data_1TU5
#
_entry.id   1TU5
#
_cell.length_a   77.680
_cell.length_b   131.192
_cell.length_c   134.001
_cell.angle_alpha   90.00
_cell.angle_beta   90.00
_cell.angle_gamma   90.00
#
_symmetry.space_group_name_H-M   'P 21 21 21'
#
loop_
_entity.id
_entity.type
_entity.pdbx_description
1 polymer 'Copper amine oxidase, liver isozyme'
2 branched 2-acetamido-2-deoxy-beta-D-glucopyranose-(1-4)-2-acetamido-2-deoxy-beta-D-glucopyranose-(1-4)-2-acetamido-2-deoxy-beta-D-glucopyranose
3 non-polymer 2-acetamido-2-deoxy-beta-D-glucopyranose
4 non-polymer 'COPPER (II) ION'
5 non-polymer 'CALCIUM ION'
6 non-polymer 'CHLORIDE ION'
7 water water
#
_entity_poly.entity_id   1
_entity_poly.type   'polypeptide(L)'
_entity_poly.pdbx_seq_one_letter_code
;REEGGVGSEEGVGKQCHPSLPPRCPSRSPSDQPWTHPDQSQLFADLSREELTTVMSFLTQQLGPDLVDAAQARPSDNCVF
SVELQLPPKAAALAHLDRGSPPPAREALAIVFFGGQPQPNVTELVVGPLPQPSYMRDVTVERHGGPLPYYRRPVLLREYL
DIDQMIFNRELPQAAGVLHHCCSYKQGGQKLLTMNSAPRGVQSGDRSTWFGIYYNITKGGPYLHPVGLELLVDHKALDPA
DWTVQKVFFQGRYYENLAQLEEQFEAGQVNVVVIPDDGTGGFWSLKSQVPPGPTPPLQFHPQGPRFSVQGNRVASSLWTF
SFGLGAFSGPRVFDVRFQGERLAYEISLQEAGAVYGGNTPAAMLTRYMDSGFGMGYFATPLIRGVDCPYLATYMDWHFVV
ESQTPKTLHDAFCVFEQNKGLPLRRHHSDFLSHYFGGVAQTVLVFRSVSTMLN(TPQ)DYVWDMVFYPNGAIEVKLHATG
YISSAFLFGAARRYGNQVGEHTLGPVHTHSAHYKVDLDVGGLENWVWAEDMAFVPTAIPWSPEHQIQRLQVTRKQLETEE
QAAFPLGGASPRYLYLASKQSNKWGHPRGYRIQTVSFAGGPMPQNSPMERAFSWGRYQLAITQRKETEPSSSSVFNQNDP
WTPTVDFSDFINNETIAGKDLVAWVTAGFLHIPHAEDIPNTVTVGNGVGFFLRPYNFFDQEPSMDSADSIYFREGQDAGS
CEINPLACLPQAATCAPDLPVFSHGGYPEY
;
_entity_poly.pdbx_strand_id   A,B
#
# COMPACT_ATOMS: atom_id res chain seq x y z
N GLN A 41 20.35 -12.82 -27.17
CA GLN A 41 19.57 -11.64 -26.67
C GLN A 41 18.43 -11.32 -27.63
N LEU A 42 17.34 -12.11 -27.59
CA LEU A 42 16.19 -11.91 -28.48
C LEU A 42 15.12 -10.95 -27.94
N PHE A 43 15.32 -10.45 -26.72
CA PHE A 43 14.37 -9.50 -26.12
C PHE A 43 14.96 -8.11 -26.10
N ALA A 44 16.24 -8.00 -26.44
CA ALA A 44 16.94 -6.72 -26.45
C ALA A 44 16.33 -5.76 -27.46
N ASP A 45 16.22 -4.48 -27.08
CA ASP A 45 15.70 -3.46 -27.96
C ASP A 45 16.69 -3.30 -29.10
N LEU A 46 16.19 -2.91 -30.28
CA LEU A 46 17.05 -2.72 -31.43
C LEU A 46 18.16 -1.75 -31.05
N SER A 47 19.37 -2.00 -31.54
CA SER A 47 20.49 -1.12 -31.25
C SER A 47 20.58 -0.04 -32.33
N ARG A 48 21.39 0.98 -32.05
CA ARG A 48 21.65 2.08 -32.97
C ARG A 48 21.98 1.53 -34.37
N GLU A 49 22.78 0.46 -34.43
CA GLU A 49 23.15 -0.16 -35.69
C GLU A 49 21.98 -0.77 -36.45
N GLU A 50 21.16 -1.57 -35.76
CA GLU A 50 20.01 -2.21 -36.38
C GLU A 50 18.98 -1.16 -36.80
N LEU A 51 18.83 -0.13 -35.97
CA LEU A 51 17.89 0.95 -36.25
C LEU A 51 18.29 1.64 -37.58
N THR A 52 19.59 1.88 -37.76
CA THR A 52 20.10 2.50 -38.98
C THR A 52 19.86 1.57 -40.16
N THR A 53 20.14 0.28 -39.97
CA THR A 53 19.95 -0.68 -41.05
C THR A 53 18.52 -0.72 -41.56
N VAL A 54 17.57 -0.93 -40.65
CA VAL A 54 16.16 -1.00 -40.99
C VAL A 54 15.76 0.27 -41.74
N MET A 55 16.19 1.41 -41.21
CA MET A 55 15.90 2.69 -41.84
C MET A 55 16.44 2.73 -43.29
N SER A 56 17.71 2.34 -43.52
CA SER A 56 18.28 2.32 -44.88
C SER A 56 17.46 1.44 -45.77
N PHE A 57 17.07 0.29 -45.25
CA PHE A 57 16.29 -0.64 -46.01
C PHE A 57 14.96 -0.02 -46.40
N LEU A 58 14.32 0.67 -45.46
CA LEU A 58 13.03 1.28 -45.74
C LEU A 58 13.10 2.39 -46.81
N THR A 59 14.15 3.20 -46.77
CA THR A 59 14.33 4.26 -47.74
C THR A 59 14.53 3.66 -49.12
N GLN A 60 15.28 2.56 -49.15
CA GLN A 60 15.63 1.87 -50.40
C GLN A 60 14.39 1.18 -50.98
N GLN A 61 13.65 0.44 -50.14
CA GLN A 61 12.48 -0.29 -50.59
C GLN A 61 11.21 0.55 -50.83
N LEU A 62 11.17 1.75 -50.24
CA LEU A 62 10.01 2.63 -50.40
C LEU A 62 10.24 3.79 -51.38
N GLY A 63 11.44 3.83 -51.94
CA GLY A 63 11.74 4.85 -52.92
C GLY A 63 11.77 6.30 -52.51
N PRO A 64 11.73 7.22 -53.49
CA PRO A 64 11.75 8.69 -53.41
C PRO A 64 10.72 9.36 -52.51
N ASP A 65 9.48 8.89 -52.56
CA ASP A 65 8.37 9.45 -51.77
C ASP A 65 8.58 9.39 -50.25
N LEU A 66 9.78 9.72 -49.75
CA LEU A 66 9.96 9.61 -48.31
C LEU A 66 10.56 10.90 -47.80
N VAL A 67 10.14 11.35 -46.62
CA VAL A 67 10.64 12.59 -46.10
C VAL A 67 10.98 12.28 -44.65
N ASP A 68 11.97 13.00 -44.12
CA ASP A 68 12.36 12.84 -42.75
C ASP A 68 11.12 13.24 -41.97
N ALA A 69 10.68 12.40 -41.04
CA ALA A 69 9.49 12.70 -40.24
C ALA A 69 9.68 13.95 -39.37
N ALA A 70 10.93 14.31 -39.09
CA ALA A 70 11.21 15.48 -38.27
C ALA A 70 10.73 16.73 -39.00
N GLN A 71 10.54 16.61 -40.31
CA GLN A 71 10.11 17.73 -41.15
C GLN A 71 8.89 17.46 -42.02
N ALA A 72 8.28 16.29 -41.88
CA ALA A 72 7.13 15.92 -42.69
C ALA A 72 5.90 16.79 -42.47
N ARG A 73 5.11 16.89 -43.53
CA ARG A 73 3.85 17.64 -43.51
C ARG A 73 2.75 16.60 -43.66
N PRO A 74 1.52 16.92 -43.25
CA PRO A 74 0.44 15.93 -43.36
C PRO A 74 0.42 15.12 -44.65
N SER A 75 0.58 15.80 -45.77
CA SER A 75 0.56 15.15 -47.08
C SER A 75 1.80 14.36 -47.50
N ASP A 76 2.87 14.42 -46.70
CA ASP A 76 4.10 13.69 -47.03
C ASP A 76 4.03 12.23 -46.58
N ASN A 77 4.98 11.42 -47.06
CA ASN A 77 5.06 10.03 -46.64
C ASN A 77 6.31 9.99 -45.76
N CYS A 78 6.21 9.44 -44.54
CA CYS A 78 7.39 9.37 -43.68
C CYS A 78 7.37 8.16 -42.75
N VAL A 79 8.54 7.77 -42.27
CA VAL A 79 8.63 6.64 -41.35
C VAL A 79 8.49 7.26 -39.98
N PHE A 80 7.39 6.95 -39.31
CA PHE A 80 7.12 7.51 -38.00
C PHE A 80 8.00 6.92 -36.93
N SER A 81 8.27 5.62 -37.01
CA SER A 81 9.05 5.01 -35.96
C SER A 81 9.44 3.61 -36.29
N VAL A 82 10.53 3.13 -35.69
CA VAL A 82 10.93 1.75 -35.88
C VAL A 82 11.54 1.29 -34.58
N GLU A 83 11.15 0.09 -34.16
CA GLU A 83 11.64 -0.50 -32.93
C GLU A 83 11.50 -2.03 -33.06
N LEU A 84 11.95 -2.72 -32.02
CA LEU A 84 11.90 -4.18 -31.96
C LEU A 84 10.50 -4.72 -32.13
N GLN A 85 10.38 -5.82 -32.86
CA GLN A 85 9.11 -6.48 -33.01
C GLN A 85 9.33 -7.68 -32.06
N LEU A 86 8.55 -7.80 -30.98
CA LEU A 86 8.76 -8.92 -30.07
C LEU A 86 8.54 -10.22 -30.87
N PRO A 87 9.32 -11.28 -30.58
CA PRO A 87 9.18 -12.55 -31.30
C PRO A 87 8.04 -13.41 -30.78
N PRO A 88 7.69 -14.45 -31.55
CA PRO A 88 6.61 -15.34 -31.14
C PRO A 88 7.10 -16.04 -29.86
N LYS A 89 6.24 -16.20 -28.86
CA LYS A 89 6.67 -16.84 -27.61
C LYS A 89 7.13 -18.31 -27.81
N ALA A 90 6.39 -19.08 -28.58
CA ALA A 90 6.79 -20.48 -28.78
C ALA A 90 8.20 -20.58 -29.35
N ALA A 91 8.51 -19.77 -30.36
CA ALA A 91 9.84 -19.84 -30.96
C ALA A 91 10.84 -19.38 -29.95
N ALA A 92 10.55 -18.29 -29.24
CA ALA A 92 11.52 -17.81 -28.24
C ALA A 92 11.79 -18.88 -27.18
N LEU A 93 10.74 -19.55 -26.72
CA LEU A 93 10.91 -20.57 -25.68
C LEU A 93 11.68 -21.78 -26.20
N ALA A 94 11.41 -22.18 -27.44
CA ALA A 94 12.11 -23.30 -28.03
C ALA A 94 13.58 -22.91 -28.05
N HIS A 95 13.88 -21.65 -28.26
CA HIS A 95 15.28 -21.24 -28.28
C HIS A 95 15.91 -21.16 -26.87
N LEU A 96 15.21 -20.51 -25.94
CA LEU A 96 15.73 -20.35 -24.58
C LEU A 96 15.80 -21.63 -23.79
N ASP A 97 14.83 -22.52 -24.00
CA ASP A 97 14.74 -23.77 -23.26
C ASP A 97 15.19 -25.04 -23.95
N ARG A 98 15.03 -25.12 -25.28
CA ARG A 98 15.42 -26.31 -26.00
C ARG A 98 16.58 -26.10 -26.96
N GLY A 99 17.18 -24.92 -26.94
CA GLY A 99 18.31 -24.68 -27.81
C GLY A 99 18.01 -24.69 -29.30
N SER A 100 16.77 -24.40 -29.68
CA SER A 100 16.46 -24.33 -31.09
C SER A 100 17.12 -23.04 -31.52
N PRO A 101 17.33 -22.86 -32.84
CA PRO A 101 17.96 -21.60 -33.27
C PRO A 101 17.00 -20.46 -32.90
N PRO A 102 17.53 -19.23 -32.72
CA PRO A 102 16.68 -18.10 -32.36
C PRO A 102 15.68 -17.72 -33.44
N PRO A 103 14.59 -17.03 -33.06
CA PRO A 103 13.60 -16.63 -34.06
C PRO A 103 14.21 -15.48 -34.86
N ALA A 104 13.71 -15.29 -36.08
CA ALA A 104 14.18 -14.20 -36.88
C ALA A 104 14.00 -12.95 -36.02
N ARG A 105 15.03 -12.14 -35.93
CA ARG A 105 14.96 -10.89 -35.17
C ARG A 105 14.36 -9.85 -36.13
N GLU A 106 13.24 -9.23 -35.75
CA GLU A 106 12.55 -8.29 -36.61
C GLU A 106 12.22 -6.95 -35.95
N ALA A 107 11.90 -5.97 -36.79
CA ALA A 107 11.54 -4.63 -36.34
C ALA A 107 10.16 -4.31 -36.87
N LEU A 108 9.45 -3.45 -36.15
CA LEU A 108 8.14 -3.03 -36.59
C LEU A 108 8.27 -1.56 -36.98
N ALA A 109 7.87 -1.23 -38.21
CA ALA A 109 7.92 0.15 -38.68
C ALA A 109 6.52 0.68 -38.91
N ILE A 110 6.27 1.89 -38.41
CA ILE A 110 4.98 2.53 -38.61
C ILE A 110 5.24 3.65 -39.61
N VAL A 111 4.63 3.51 -40.79
CA VAL A 111 4.78 4.51 -41.85
C VAL A 111 3.50 5.32 -42.06
N PHE A 112 3.65 6.65 -42.16
CA PHE A 112 2.49 7.52 -42.42
C PHE A 112 2.37 7.71 -43.92
N PHE A 113 1.40 7.08 -44.57
CA PHE A 113 1.32 7.30 -46.01
C PHE A 113 0.29 8.38 -46.31
N GLY A 114 0.71 9.63 -46.23
CA GLY A 114 -0.18 10.74 -46.48
C GLY A 114 -0.19 11.28 -47.91
N GLY A 115 0.85 10.95 -48.69
CA GLY A 115 0.86 11.42 -50.08
C GLY A 115 0.11 10.49 -51.02
N GLN A 116 -1.19 10.36 -50.87
CA GLN A 116 -1.93 9.46 -51.75
C GLN A 116 -3.43 9.77 -51.63
N PRO A 117 -4.24 9.37 -52.63
CA PRO A 117 -5.68 9.61 -52.62
C PRO A 117 -6.43 9.17 -51.34
N GLN A 118 -5.93 8.12 -50.70
CA GLN A 118 -6.54 7.62 -49.48
C GLN A 118 -5.40 7.34 -48.51
N PRO A 119 -4.89 8.39 -47.84
CA PRO A 119 -3.80 8.17 -46.90
C PRO A 119 -4.14 7.16 -45.81
N ASN A 120 -3.12 6.48 -45.31
CA ASN A 120 -3.33 5.51 -44.25
C ASN A 120 -2.04 5.42 -43.46
N VAL A 121 -2.08 4.69 -42.35
CA VAL A 121 -0.89 4.48 -41.58
C VAL A 121 -0.70 2.98 -41.75
N THR A 122 0.55 2.56 -41.96
CA THR A 122 0.89 1.15 -42.20
C THR A 122 1.98 0.63 -41.26
N GLU A 123 1.80 -0.60 -40.76
CA GLU A 123 2.78 -1.25 -39.91
C GLU A 123 3.49 -2.25 -40.77
N LEU A 124 4.82 -2.22 -40.76
CA LEU A 124 5.60 -3.15 -41.57
C LEU A 124 6.58 -3.88 -40.67
N VAL A 125 6.60 -5.21 -40.80
CA VAL A 125 7.52 -6.07 -40.08
C VAL A 125 8.72 -6.12 -41.03
N VAL A 126 9.91 -5.83 -40.58
CA VAL A 126 11.08 -5.73 -41.39
C VAL A 126 12.07 -6.73 -40.88
N GLY A 127 12.67 -7.56 -41.71
CA GLY A 127 13.57 -8.51 -41.09
C GLY A 127 14.21 -9.45 -42.06
N PRO A 128 15.10 -10.32 -41.59
CA PRO A 128 15.70 -10.68 -40.33
C PRO A 128 16.89 -9.76 -40.09
N LEU A 129 17.09 -9.33 -38.87
CA LEU A 129 18.22 -8.47 -38.53
C LEU A 129 19.37 -9.44 -38.47
N PRO A 130 20.60 -8.99 -38.79
CA PRO A 130 21.28 -7.79 -39.22
C PRO A 130 20.96 -7.28 -40.62
N GLN A 131 20.82 -8.14 -41.61
CA GLN A 131 20.53 -7.62 -42.93
C GLN A 131 19.16 -8.03 -43.45
N PRO A 132 18.19 -7.13 -43.33
CA PRO A 132 16.81 -7.37 -43.78
C PRO A 132 16.68 -7.69 -45.26
N SER A 133 15.70 -8.54 -45.59
CA SER A 133 15.43 -8.92 -46.97
C SER A 133 13.95 -8.86 -47.27
N TYR A 134 13.10 -8.73 -46.25
CA TYR A 134 11.68 -8.62 -46.49
C TYR A 134 11.01 -7.48 -45.72
N MET A 135 9.85 -7.06 -46.22
CA MET A 135 9.07 -5.99 -45.65
C MET A 135 7.61 -6.44 -45.73
N ARG A 136 7.02 -6.85 -44.61
CA ARG A 136 5.63 -7.32 -44.59
C ARG A 136 4.62 -6.33 -44.00
N ASP A 137 3.62 -5.97 -44.79
CA ASP A 137 2.57 -5.08 -44.35
C ASP A 137 1.62 -5.95 -43.55
N VAL A 138 1.55 -5.73 -42.24
CA VAL A 138 0.68 -6.53 -41.37
C VAL A 138 -0.48 -5.76 -40.76
N THR A 139 -0.68 -4.52 -41.23
CA THR A 139 -1.75 -3.65 -40.74
C THR A 139 -3.13 -4.30 -40.77
N VAL A 140 -3.47 -4.83 -41.94
CA VAL A 140 -4.79 -5.44 -42.11
C VAL A 140 -4.96 -6.73 -41.31
N GLU A 141 -3.93 -7.55 -41.20
CA GLU A 141 -4.11 -8.77 -40.45
C GLU A 141 -4.14 -8.57 -38.93
N ARG A 142 -3.72 -7.39 -38.45
CA ARG A 142 -3.74 -7.10 -37.01
C ARG A 142 -4.95 -6.27 -36.58
N HIS A 143 -5.53 -5.54 -37.52
CA HIS A 143 -6.65 -4.67 -37.20
C HIS A 143 -7.94 -4.86 -38.01
N GLY A 144 -7.94 -5.82 -38.93
CA GLY A 144 -9.13 -6.07 -39.72
C GLY A 144 -9.34 -5.14 -40.88
N GLY A 145 -8.46 -4.19 -41.05
CA GLY A 145 -8.62 -3.27 -42.16
C GLY A 145 -7.60 -2.17 -42.05
N PRO A 146 -7.68 -1.15 -42.91
CA PRO A 146 -6.72 -0.03 -42.87
C PRO A 146 -6.87 0.87 -41.63
N LEU A 147 -5.76 1.47 -41.22
CA LEU A 147 -5.73 2.40 -40.09
C LEU A 147 -6.01 3.77 -40.68
N PRO A 148 -7.15 4.41 -40.31
CA PRO A 148 -7.40 5.72 -40.90
C PRO A 148 -6.34 6.74 -40.51
N TYR A 149 -6.08 7.68 -41.41
CA TYR A 149 -5.05 8.70 -41.23
C TYR A 149 -5.17 9.61 -39.99
N TYR A 150 -6.39 9.99 -39.64
CA TYR A 150 -6.60 10.84 -38.49
C TYR A 150 -6.28 10.14 -37.16
N ARG A 151 -5.86 8.88 -37.22
CA ARG A 151 -5.52 8.17 -35.98
C ARG A 151 -4.04 8.38 -35.66
N ARG A 152 -3.25 8.72 -36.68
CA ARG A 152 -1.82 8.89 -36.47
C ARG A 152 -1.52 9.91 -35.37
N PRO A 153 -0.46 9.69 -34.60
CA PRO A 153 -0.22 10.71 -33.57
C PRO A 153 0.25 12.05 -34.17
N VAL A 154 -0.04 13.15 -33.49
CA VAL A 154 0.40 14.43 -34.00
C VAL A 154 1.92 14.51 -33.97
N LEU A 155 2.44 14.83 -35.14
CA LEU A 155 3.86 14.95 -35.38
C LEU A 155 4.43 16.22 -34.73
N LEU A 156 5.70 16.21 -34.32
CA LEU A 156 6.33 17.39 -33.72
C LEU A 156 6.32 18.56 -34.73
N ARG A 157 6.54 18.26 -36.01
CA ARG A 157 6.52 19.32 -37.03
C ARG A 157 5.10 19.82 -37.12
N GLU A 158 4.15 18.94 -36.80
CA GLU A 158 2.74 19.34 -36.83
C GLU A 158 2.48 20.32 -35.68
N TYR A 159 3.02 20.03 -34.50
CA TYR A 159 2.85 20.95 -33.36
C TYR A 159 3.54 22.25 -33.67
N LEU A 160 4.74 22.19 -34.21
CA LEU A 160 5.46 23.42 -34.55
C LEU A 160 4.67 24.27 -35.55
N ASP A 161 4.04 23.65 -36.54
CA ASP A 161 3.26 24.43 -37.49
C ASP A 161 1.98 24.96 -36.85
N ILE A 162 1.38 24.20 -35.94
CA ILE A 162 0.17 24.68 -35.28
C ILE A 162 0.58 25.94 -34.51
N ASP A 163 1.77 25.93 -33.91
CA ASP A 163 2.26 27.08 -33.16
C ASP A 163 2.56 28.28 -34.04
N GLN A 164 3.14 28.06 -35.20
CA GLN A 164 3.43 29.18 -36.09
C GLN A 164 2.11 29.85 -36.45
N MET A 165 1.09 29.04 -36.70
CA MET A 165 -0.23 29.56 -37.03
C MET A 165 -0.79 30.38 -35.87
N ILE A 166 -0.75 29.83 -34.67
CA ILE A 166 -1.27 30.53 -33.50
C ILE A 166 -0.55 31.84 -33.19
N PHE A 167 0.77 31.84 -33.25
CA PHE A 167 1.55 33.05 -32.95
C PHE A 167 1.69 34.06 -34.08
N ASN A 168 1.60 33.61 -35.32
CA ASN A 168 1.72 34.53 -36.44
C ASN A 168 0.40 34.99 -37.03
N ARG A 169 -0.59 34.11 -37.09
CA ARG A 169 -1.86 34.51 -37.68
C ARG A 169 -3.05 34.63 -36.70
N GLU A 170 -3.01 33.96 -35.56
CA GLU A 170 -4.16 34.04 -34.65
C GLU A 170 -4.09 35.09 -33.53
N LEU A 171 -3.23 34.89 -32.53
CA LEU A 171 -3.16 35.82 -31.40
C LEU A 171 -3.04 37.32 -31.75
N PRO A 172 -2.30 37.68 -32.82
CA PRO A 172 -2.22 39.11 -33.12
C PRO A 172 -3.60 39.73 -33.35
N GLN A 173 -4.56 38.96 -33.80
CA GLN A 173 -5.90 39.51 -33.99
C GLN A 173 -6.53 39.93 -32.68
N ALA A 174 -5.94 39.51 -31.57
CA ALA A 174 -6.46 39.84 -30.25
C ALA A 174 -5.36 40.49 -29.43
N ALA A 175 -4.53 41.29 -30.10
CA ALA A 175 -3.44 41.98 -29.43
C ALA A 175 -3.93 42.88 -28.29
N GLY A 176 -5.04 43.56 -28.52
CA GLY A 176 -5.61 44.45 -27.52
C GLY A 176 -6.01 43.81 -26.21
N VAL A 177 -6.77 42.71 -26.30
CA VAL A 177 -7.20 41.99 -25.13
C VAL A 177 -6.00 41.32 -24.47
N LEU A 178 -5.05 40.89 -25.30
CA LEU A 178 -3.85 40.21 -24.80
C LEU A 178 -2.86 41.21 -24.16
N HIS A 179 -2.89 42.47 -24.58
CA HIS A 179 -1.98 43.46 -23.99
C HIS A 179 -2.47 43.61 -22.58
N HIS A 180 -3.78 43.80 -22.46
CA HIS A 180 -4.42 44.01 -21.19
C HIS A 180 -4.22 42.89 -20.18
N CYS A 181 -4.56 41.65 -20.56
CA CYS A 181 -4.40 40.55 -19.60
C CYS A 181 -3.01 40.14 -19.34
N CYS A 182 -2.16 40.31 -20.34
CA CYS A 182 -0.84 39.73 -20.23
C CYS A 182 0.39 40.50 -20.70
N SER A 183 0.23 41.79 -20.99
CA SER A 183 1.34 42.60 -21.50
C SER A 183 1.94 41.91 -22.73
N TYR A 184 1.07 41.40 -23.58
CA TYR A 184 1.47 40.72 -24.80
C TYR A 184 2.32 41.64 -25.68
N LYS A 185 3.56 41.23 -25.95
CA LYS A 185 4.52 42.00 -26.73
C LYS A 185 4.84 43.39 -26.19
N GLN A 186 4.69 43.53 -24.87
CA GLN A 186 4.95 44.79 -24.18
C GLN A 186 5.78 44.55 -22.95
N GLY A 187 6.68 43.56 -23.00
CA GLY A 187 7.52 43.28 -21.86
C GLY A 187 7.03 42.11 -21.03
N GLY A 188 5.81 41.65 -21.26
CA GLY A 188 5.31 40.53 -20.50
C GLY A 188 6.02 39.24 -20.83
N GLN A 189 5.80 38.22 -20.03
CA GLN A 189 6.44 36.93 -20.26
C GLN A 189 5.98 36.36 -21.59
N LYS A 190 6.83 35.51 -22.17
CA LYS A 190 6.51 34.88 -23.45
C LYS A 190 5.38 33.92 -23.20
N LEU A 191 4.62 33.61 -24.23
CA LEU A 191 3.51 32.70 -24.10
C LEU A 191 3.89 31.42 -24.77
N LEU A 192 3.26 30.32 -24.38
CA LEU A 192 3.53 29.05 -25.02
C LEU A 192 2.22 28.26 -24.99
N THR A 193 2.15 27.21 -25.79
CA THR A 193 0.91 26.44 -25.86
C THR A 193 0.94 25.10 -25.13
N MET A 194 -0.25 24.59 -24.81
CA MET A 194 -0.36 23.30 -24.15
C MET A 194 -1.35 22.41 -24.89
N ASN A 195 -0.90 21.21 -25.26
CA ASN A 195 -1.71 20.22 -25.96
C ASN A 195 -2.80 19.66 -25.03
N SER A 196 -3.79 18.99 -25.62
CA SER A 196 -4.85 18.32 -24.89
C SER A 196 -5.31 17.22 -25.84
N ALA A 197 -6.09 16.27 -25.36
CA ALA A 197 -6.57 15.16 -26.21
C ALA A 197 -7.57 14.34 -25.41
N PRO A 198 -8.47 13.59 -26.10
CA PRO A 198 -8.62 13.41 -27.56
C PRO A 198 -8.79 14.73 -28.29
N ARG A 199 -8.98 14.65 -29.60
CA ARG A 199 -9.10 15.83 -30.45
C ARG A 199 -10.39 15.94 -31.27
N GLY A 200 -11.51 16.21 -30.61
CA GLY A 200 -12.75 16.35 -31.34
C GLY A 200 -13.85 15.76 -30.50
N VAL A 201 -14.90 15.26 -31.14
CA VAL A 201 -16.01 14.66 -30.42
C VAL A 201 -16.46 13.37 -31.08
N GLN A 202 -15.78 12.98 -32.15
CA GLN A 202 -16.15 11.76 -32.87
C GLN A 202 -15.02 11.28 -33.80
N SER A 203 -15.10 10.03 -34.25
CA SER A 203 -14.08 9.49 -35.16
C SER A 203 -13.95 10.34 -36.43
N GLY A 204 -12.71 10.71 -36.75
CA GLY A 204 -12.45 11.51 -37.93
C GLY A 204 -11.95 12.87 -37.54
N ASP A 205 -12.27 13.31 -36.32
CA ASP A 205 -11.85 14.63 -35.86
C ASP A 205 -10.38 14.75 -35.48
N ARG A 206 -9.85 15.95 -35.71
CA ARG A 206 -8.49 16.31 -35.36
C ARG A 206 -8.54 17.81 -35.05
N SER A 207 -9.36 18.13 -34.05
CA SER A 207 -9.53 19.50 -33.56
C SER A 207 -9.13 19.45 -32.11
N THR A 208 -8.09 20.22 -31.78
CA THR A 208 -7.51 20.24 -30.44
C THR A 208 -7.58 21.56 -29.70
N TRP A 209 -8.04 21.55 -28.45
CA TRP A 209 -8.00 22.76 -27.67
C TRP A 209 -6.60 22.94 -27.13
N PHE A 210 -5.93 24.01 -27.56
CA PHE A 210 -4.59 24.32 -27.11
C PHE A 210 -4.76 25.45 -26.12
N GLY A 211 -4.12 25.35 -24.97
CA GLY A 211 -4.24 26.39 -23.96
C GLY A 211 -3.02 27.30 -24.04
N ILE A 212 -3.16 28.53 -23.57
CA ILE A 212 -2.07 29.50 -23.59
C ILE A 212 -1.54 29.76 -22.18
N TYR A 213 -0.24 29.59 -21.97
CA TYR A 213 0.34 29.79 -20.64
C TYR A 213 1.60 30.62 -20.70
N TYR A 214 1.89 31.30 -19.59
CA TYR A 214 3.11 32.09 -19.49
C TYR A 214 4.25 31.08 -19.49
N ASN A 215 5.32 31.35 -20.23
CA ASN A 215 6.47 30.46 -20.26
C ASN A 215 7.40 30.85 -19.13
N ILE A 216 7.20 30.34 -17.92
CA ILE A 216 8.11 30.78 -16.86
C ILE A 216 9.28 29.83 -16.57
N THR A 217 10.46 30.43 -16.59
CA THR A 217 11.77 29.81 -16.35
C THR A 217 11.77 28.90 -15.13
N LYS A 218 10.71 28.96 -14.32
CA LYS A 218 10.64 28.16 -13.10
C LYS A 218 9.84 26.86 -13.09
N GLY A 219 9.29 26.56 -11.92
CA GLY A 219 8.52 25.35 -11.67
C GLY A 219 7.29 25.02 -12.50
N GLY A 220 7.44 24.95 -13.81
CA GLY A 220 6.32 24.60 -14.65
C GLY A 220 5.47 25.69 -15.27
N PRO A 221 5.54 25.83 -16.59
CA PRO A 221 4.80 26.83 -17.35
C PRO A 221 3.28 26.65 -17.31
N TYR A 222 2.82 25.41 -17.22
CA TYR A 222 1.38 25.13 -17.19
C TYR A 222 0.68 25.44 -15.86
N LEU A 223 1.43 26.06 -14.96
CA LEU A 223 0.95 26.48 -13.65
C LEU A 223 0.57 27.95 -13.74
N HIS A 224 0.65 28.49 -14.95
CA HIS A 224 0.30 29.88 -15.17
C HIS A 224 -0.62 30.08 -16.38
N PRO A 225 -1.89 29.64 -16.28
CA PRO A 225 -2.82 29.81 -17.40
C PRO A 225 -3.24 31.29 -17.57
N VAL A 226 -3.51 31.67 -18.81
CA VAL A 226 -3.94 33.01 -19.21
C VAL A 226 -5.47 33.03 -19.29
N GLY A 227 -6.08 31.85 -19.40
CA GLY A 227 -7.51 31.76 -19.51
C GLY A 227 -7.93 31.70 -20.98
N LEU A 228 -6.93 31.66 -21.85
CA LEU A 228 -7.18 31.62 -23.31
C LEU A 228 -6.92 30.25 -23.91
N GLU A 229 -7.91 29.68 -24.59
CA GLU A 229 -7.78 28.38 -25.23
C GLU A 229 -8.32 28.48 -26.65
N LEU A 230 -7.70 27.76 -27.59
CA LEU A 230 -8.12 27.78 -28.97
C LEU A 230 -8.38 26.38 -29.52
N LEU A 231 -9.51 26.19 -30.19
CA LEU A 231 -9.82 24.89 -30.78
C LEU A 231 -9.29 25.00 -32.21
N VAL A 232 -8.14 24.41 -32.50
CA VAL A 232 -7.69 24.48 -33.86
C VAL A 232 -7.99 23.18 -34.60
N ASP A 233 -8.51 23.32 -35.81
CA ASP A 233 -8.84 22.18 -36.65
C ASP A 233 -7.61 21.96 -37.51
N HIS A 234 -6.89 20.86 -37.31
CA HIS A 234 -5.72 20.60 -38.12
C HIS A 234 -5.83 19.23 -38.78
N LYS A 235 -7.04 18.89 -39.22
CA LYS A 235 -7.31 17.64 -39.88
C LYS A 235 -6.86 17.68 -41.32
N ALA A 236 -6.90 18.85 -41.93
CA ALA A 236 -6.54 19.01 -43.33
C ALA A 236 -5.06 18.73 -43.62
N LEU A 237 -4.80 18.05 -44.73
CA LEU A 237 -3.47 17.71 -45.15
C LEU A 237 -2.60 18.93 -45.47
N ASP A 238 -3.21 20.04 -45.88
CA ASP A 238 -2.43 21.25 -46.16
C ASP A 238 -2.69 22.23 -45.01
N PRO A 239 -1.67 22.48 -44.16
CA PRO A 239 -1.77 23.37 -43.01
C PRO A 239 -2.41 24.70 -43.35
N ALA A 240 -2.29 25.10 -44.62
CA ALA A 240 -2.87 26.34 -45.12
C ALA A 240 -4.39 26.37 -44.95
N ASP A 241 -5.02 25.22 -44.83
CA ASP A 241 -6.46 25.14 -44.65
C ASP A 241 -6.88 24.96 -43.19
N TRP A 242 -5.92 25.01 -42.27
CA TRP A 242 -6.24 24.87 -40.84
C TRP A 242 -6.90 26.14 -40.31
N THR A 243 -7.79 25.99 -39.34
CA THR A 243 -8.47 27.14 -38.74
C THR A 243 -8.76 26.91 -37.27
N VAL A 244 -9.05 28.00 -36.56
CA VAL A 244 -9.44 27.92 -35.16
C VAL A 244 -10.96 27.91 -35.27
N GLN A 245 -11.59 26.86 -34.77
CA GLN A 245 -13.03 26.69 -34.85
C GLN A 245 -13.82 27.31 -33.71
N LYS A 246 -13.10 27.72 -32.67
CA LYS A 246 -13.79 28.28 -31.52
C LYS A 246 -12.76 28.78 -30.54
N VAL A 247 -13.11 29.78 -29.72
CA VAL A 247 -12.18 30.23 -28.71
C VAL A 247 -12.88 30.38 -27.36
N PHE A 248 -12.10 30.12 -26.33
CA PHE A 248 -12.55 30.22 -24.95
C PHE A 248 -11.65 31.24 -24.30
N PHE A 249 -12.26 32.21 -23.64
CA PHE A 249 -11.45 33.20 -22.98
C PHE A 249 -12.06 33.57 -21.65
N GLN A 250 -11.32 33.24 -20.59
CA GLN A 250 -11.71 33.53 -19.21
C GLN A 250 -13.18 33.33 -18.87
N GLY A 251 -13.74 32.18 -19.24
CA GLY A 251 -15.12 31.90 -18.90
C GLY A 251 -16.19 32.02 -19.96
N ARG A 252 -15.87 32.68 -21.07
CA ARG A 252 -16.85 32.86 -22.14
C ARG A 252 -16.33 32.23 -23.43
N TYR A 253 -17.24 31.82 -24.30
CA TYR A 253 -16.82 31.25 -25.58
C TYR A 253 -17.02 32.27 -26.70
N TYR A 254 -16.22 32.15 -27.76
CA TYR A 254 -16.32 33.06 -28.90
C TYR A 254 -16.16 32.27 -30.19
N GLU A 255 -16.56 32.89 -31.29
CA GLU A 255 -16.48 32.25 -32.59
C GLU A 255 -15.05 32.18 -33.09
N ASN A 256 -14.31 33.26 -32.84
CA ASN A 256 -12.93 33.36 -33.28
C ASN A 256 -12.31 34.52 -32.52
N LEU A 257 -11.01 34.74 -32.74
CA LEU A 257 -10.32 35.82 -32.05
C LEU A 257 -10.72 37.22 -32.48
N ALA A 258 -11.16 37.39 -33.74
CA ALA A 258 -11.59 38.72 -34.18
C ALA A 258 -12.84 39.12 -33.38
N GLN A 259 -13.71 38.16 -33.10
CA GLN A 259 -14.92 38.45 -32.33
C GLN A 259 -14.56 38.82 -30.89
N LEU A 260 -13.61 38.10 -30.30
CA LEU A 260 -13.16 38.41 -28.95
C LEU A 260 -12.60 39.82 -28.91
N GLU A 261 -11.70 40.13 -29.84
CA GLU A 261 -11.11 41.45 -29.88
C GLU A 261 -12.12 42.56 -30.10
N GLU A 262 -12.97 42.44 -31.12
CA GLU A 262 -13.91 43.51 -31.40
C GLU A 262 -14.92 43.70 -30.29
N GLN A 263 -15.34 42.61 -29.65
CA GLN A 263 -16.27 42.75 -28.52
C GLN A 263 -15.59 43.44 -27.35
N PHE A 264 -14.28 43.23 -27.24
CA PHE A 264 -13.53 43.87 -26.16
C PHE A 264 -13.36 45.36 -26.48
N GLU A 265 -13.26 45.68 -27.78
CA GLU A 265 -13.14 47.05 -28.25
C GLU A 265 -14.44 47.73 -27.81
N ALA A 266 -15.55 47.03 -28.05
CA ALA A 266 -16.91 47.49 -27.71
C ALA A 266 -17.15 47.58 -26.22
N GLY A 267 -16.07 47.51 -25.45
CA GLY A 267 -16.20 47.57 -24.00
C GLY A 267 -17.15 46.55 -23.44
N GLN A 268 -17.24 45.38 -24.09
CA GLN A 268 -18.14 44.33 -23.61
C GLN A 268 -17.49 43.10 -22.96
N VAL A 269 -16.17 43.05 -22.94
CA VAL A 269 -15.50 41.91 -22.33
C VAL A 269 -14.63 42.36 -21.18
N ASN A 270 -14.95 41.89 -19.98
CA ASN A 270 -14.16 42.26 -18.83
C ASN A 270 -12.96 41.31 -18.80
N VAL A 271 -11.77 41.88 -18.86
CA VAL A 271 -10.53 41.10 -18.89
C VAL A 271 -9.77 41.09 -17.56
N VAL A 272 -9.51 39.89 -17.03
CA VAL A 272 -8.78 39.74 -15.78
C VAL A 272 -7.28 39.79 -16.09
N VAL A 273 -6.53 40.68 -15.44
CA VAL A 273 -5.11 40.71 -15.71
C VAL A 273 -4.46 39.55 -14.94
N ILE A 274 -3.62 38.78 -15.60
CA ILE A 274 -2.96 37.63 -14.99
C ILE A 274 -1.51 38.00 -14.66
N PRO A 275 -1.18 38.17 -13.36
CA PRO A 275 0.15 38.54 -12.86
C PRO A 275 1.27 37.57 -13.22
N ASP A 276 2.47 37.89 -12.75
CA ASP A 276 3.66 37.09 -12.99
C ASP A 276 4.12 37.25 -14.43
N ARG A 305 27.33 -7.56 -6.27
CA ARG A 305 26.19 -8.41 -5.94
C ARG A 305 25.29 -8.62 -7.17
N PHE A 306 25.62 -7.94 -8.26
CA PHE A 306 24.86 -8.10 -9.50
C PHE A 306 25.65 -7.54 -10.66
N SER A 307 25.23 -7.88 -11.87
CA SER A 307 25.91 -7.38 -13.05
C SER A 307 24.90 -7.17 -14.17
N VAL A 308 25.21 -6.28 -15.09
CA VAL A 308 24.32 -6.05 -16.21
C VAL A 308 25.15 -6.10 -17.51
N GLN A 309 24.74 -6.97 -18.41
CA GLN A 309 25.42 -7.12 -19.69
C GLN A 309 24.37 -7.14 -20.78
N GLY A 310 24.53 -6.27 -21.79
CA GLY A 310 23.57 -6.23 -22.87
C GLY A 310 22.22 -5.87 -22.27
N ASN A 311 21.21 -6.70 -22.53
CA ASN A 311 19.87 -6.46 -22.00
C ASN A 311 19.55 -7.43 -20.85
N ARG A 312 20.55 -8.06 -20.27
CA ARG A 312 20.27 -8.98 -19.18
C ARG A 312 20.87 -8.51 -17.87
N VAL A 313 20.09 -8.65 -16.80
CA VAL A 313 20.51 -8.31 -15.47
C VAL A 313 20.68 -9.66 -14.76
N ALA A 314 21.79 -9.82 -14.06
CA ALA A 314 22.07 -11.04 -13.36
C ALA A 314 22.45 -10.73 -11.93
N SER A 315 21.87 -11.48 -11.01
CA SER A 315 22.19 -11.32 -9.60
C SER A 315 22.28 -12.72 -9.01
N SER A 316 22.83 -12.82 -7.81
CA SER A 316 22.94 -14.12 -7.16
C SER A 316 21.59 -14.83 -7.23
N LEU A 317 20.51 -14.09 -6.98
CA LEU A 317 19.17 -14.70 -7.00
C LEU A 317 18.31 -14.50 -8.26
N TRP A 318 18.44 -13.36 -8.93
CA TRP A 318 17.61 -13.12 -10.11
C TRP A 318 18.30 -12.98 -11.43
N THR A 319 17.48 -13.14 -12.46
CA THR A 319 17.93 -13.01 -13.81
C THR A 319 16.73 -12.62 -14.66
N PHE A 320 16.89 -11.57 -15.46
CA PHE A 320 15.84 -11.14 -16.39
C PHE A 320 16.43 -10.25 -17.50
N SER A 321 15.64 -10.09 -18.58
CA SER A 321 16.02 -9.22 -19.69
C SER A 321 15.13 -7.98 -19.62
N PHE A 322 15.72 -6.81 -19.83
CA PHE A 322 14.97 -5.55 -19.76
C PHE A 322 14.93 -4.76 -21.08
N GLY A 323 14.01 -3.80 -21.12
CA GLY A 323 13.89 -2.98 -22.29
C GLY A 323 12.84 -1.91 -22.12
N LEU A 324 12.64 -1.15 -23.19
CA LEU A 324 11.70 -0.07 -23.16
C LEU A 324 10.92 -0.05 -24.46
N GLY A 325 9.59 -0.08 -24.36
CA GLY A 325 8.79 -0.01 -25.57
C GLY A 325 8.67 1.47 -25.91
N ALA A 326 8.91 1.84 -27.17
CA ALA A 326 8.81 3.23 -27.59
C ALA A 326 7.49 3.86 -27.15
N PHE A 327 6.41 3.09 -27.20
CA PHE A 327 5.10 3.61 -26.81
C PHE A 327 4.60 2.98 -25.53
N SER A 328 4.96 1.72 -25.31
CA SER A 328 4.54 0.94 -24.14
C SER A 328 5.26 1.19 -22.82
N GLY A 329 6.51 1.60 -22.87
CA GLY A 329 7.23 1.82 -21.63
C GLY A 329 8.10 0.67 -21.14
N PRO A 330 8.55 0.72 -19.88
CA PRO A 330 9.40 -0.31 -19.32
C PRO A 330 8.83 -1.71 -19.48
N ARG A 331 9.70 -2.69 -19.65
CA ARG A 331 9.25 -4.04 -19.85
C ARG A 331 10.41 -4.95 -19.42
N VAL A 332 10.07 -6.17 -19.04
CA VAL A 332 11.03 -7.13 -18.58
C VAL A 332 10.56 -8.48 -19.13
N PHE A 333 11.51 -9.33 -19.51
CA PHE A 333 11.18 -10.65 -20.05
C PHE A 333 12.03 -11.75 -19.41
N ASP A 334 11.52 -12.97 -19.50
CA ASP A 334 12.24 -14.13 -19.02
C ASP A 334 12.72 -13.95 -17.57
N VAL A 335 11.82 -13.60 -16.67
CA VAL A 335 12.25 -13.41 -15.30
C VAL A 335 12.47 -14.77 -14.62
N ARG A 336 13.69 -15.00 -14.11
CA ARG A 336 13.98 -16.25 -13.47
C ARG A 336 14.43 -16.11 -12.04
N PHE A 337 13.94 -17.00 -11.17
CA PHE A 337 14.35 -16.96 -9.78
C PHE A 337 15.11 -18.29 -9.54
N GLN A 338 16.38 -18.20 -9.14
CA GLN A 338 17.15 -19.43 -8.92
C GLN A 338 17.05 -20.38 -10.12
N GLY A 339 17.18 -19.82 -11.31
CA GLY A 339 17.16 -20.63 -12.52
C GLY A 339 15.80 -20.95 -13.07
N GLU A 340 14.76 -20.79 -12.27
CA GLU A 340 13.44 -21.11 -12.76
C GLU A 340 12.64 -19.87 -13.19
N ARG A 341 12.10 -19.90 -14.40
CA ARG A 341 11.30 -18.80 -14.92
C ARG A 341 9.91 -18.70 -14.23
N LEU A 342 9.59 -17.50 -13.75
CA LEU A 342 8.32 -17.19 -13.08
C LEU A 342 7.43 -16.47 -14.08
N ALA A 343 8.06 -15.71 -14.96
CA ALA A 343 7.26 -14.97 -15.91
C ALA A 343 7.97 -14.76 -17.24
N TYR A 344 7.23 -14.96 -18.34
CA TYR A 344 7.80 -14.76 -19.66
C TYR A 344 7.97 -13.26 -19.86
N GLU A 345 6.98 -12.50 -19.38
CA GLU A 345 7.04 -11.05 -19.54
C GLU A 345 6.20 -10.30 -18.53
N ILE A 346 6.71 -9.16 -18.09
CA ILE A 346 6.00 -8.26 -17.18
C ILE A 346 6.28 -6.90 -17.78
N SER A 347 5.24 -6.22 -18.25
CA SER A 347 5.45 -4.92 -18.90
C SER A 347 4.37 -3.86 -18.76
N LEU A 348 4.75 -2.60 -18.95
CA LEU A 348 3.77 -1.50 -18.88
C LEU A 348 3.00 -1.57 -20.18
N GLN A 349 1.69 -1.36 -20.13
CA GLN A 349 0.88 -1.39 -21.33
C GLN A 349 0.34 -0.01 -21.63
N GLU A 350 -0.12 0.67 -20.59
CA GLU A 350 -0.71 1.99 -20.76
C GLU A 350 -0.75 2.80 -19.46
N ALA A 351 -0.86 4.10 -19.60
CA ALA A 351 -0.95 4.98 -18.44
C ALA A 351 -1.93 6.03 -18.93
N GLY A 352 -2.81 6.47 -18.04
CA GLY A 352 -3.81 7.44 -18.43
C GLY A 352 -4.20 8.36 -17.30
N ALA A 353 -4.90 9.43 -17.68
CA ALA A 353 -5.37 10.46 -16.78
C ALA A 353 -6.71 10.99 -17.31
N VAL A 354 -7.72 11.08 -16.45
CA VAL A 354 -9.01 11.57 -16.84
C VAL A 354 -9.24 12.85 -16.06
N TYR A 355 -9.48 13.94 -16.77
CA TYR A 355 -9.67 15.25 -16.16
C TYR A 355 -11.08 15.77 -16.04
N GLY A 356 -11.24 16.76 -15.19
CA GLY A 356 -12.51 17.43 -14.99
C GLY A 356 -12.22 18.93 -14.95
N GLY A 357 -13.25 19.74 -15.20
CA GLY A 357 -13.08 21.17 -15.17
C GLY A 357 -14.22 21.89 -15.86
N ASN A 358 -14.17 23.23 -15.90
CA ASN A 358 -15.21 23.99 -16.60
C ASN A 358 -14.54 24.84 -17.68
N THR A 359 -13.33 24.46 -18.06
CA THR A 359 -12.59 25.09 -19.15
C THR A 359 -12.37 23.94 -20.15
N PRO A 360 -12.42 24.22 -21.47
CA PRO A 360 -12.24 23.19 -22.50
C PRO A 360 -11.29 22.01 -22.28
N ALA A 361 -10.00 22.26 -22.20
CA ALA A 361 -9.00 21.19 -22.02
C ALA A 361 -9.19 20.31 -20.78
N ALA A 362 -9.47 20.90 -19.63
CA ALA A 362 -9.65 20.14 -18.40
C ALA A 362 -10.93 19.31 -18.42
N MET A 363 -11.98 19.77 -19.11
CA MET A 363 -13.21 18.98 -19.11
C MET A 363 -13.22 17.89 -20.20
N LEU A 364 -12.32 18.00 -21.17
CA LEU A 364 -12.31 17.05 -22.26
C LEU A 364 -11.19 15.99 -22.27
N THR A 365 -10.07 16.29 -21.62
CA THR A 365 -8.93 15.40 -21.62
C THR A 365 -9.08 14.01 -21.01
N ARG A 366 -8.64 13.03 -21.79
CA ARG A 366 -8.63 11.63 -21.41
C ARG A 366 -7.41 11.11 -22.12
N TYR A 367 -6.31 11.01 -21.39
CA TYR A 367 -5.05 10.59 -21.94
C TYR A 367 -4.81 9.10 -21.93
N MET A 368 -4.28 8.61 -23.03
CA MET A 368 -3.85 7.23 -23.17
C MET A 368 -2.45 7.50 -23.71
N ASP A 369 -1.54 7.71 -22.76
CA ASP A 369 -0.16 8.06 -22.98
C ASP A 369 0.66 7.36 -24.03
N SER A 370 0.35 6.11 -24.31
CA SER A 370 1.12 5.37 -25.32
C SER A 370 0.97 6.07 -26.66
N GLY A 371 -0.02 6.94 -26.75
CA GLY A 371 -0.25 7.70 -27.98
C GLY A 371 0.90 8.67 -28.22
N PHE A 372 1.61 9.00 -27.14
CA PHE A 372 2.75 9.91 -27.26
C PHE A 372 3.95 8.98 -27.12
N GLY A 373 4.02 8.21 -26.02
CA GLY A 373 5.10 7.24 -25.84
C GLY A 373 5.89 7.26 -24.56
N MET A 374 5.66 6.28 -23.66
CA MET A 374 6.37 6.24 -22.39
C MET A 374 7.84 5.97 -22.59
N GLY A 375 8.16 5.43 -23.76
CA GLY A 375 9.56 5.17 -24.06
C GLY A 375 10.08 6.42 -24.73
N TYR A 376 9.42 6.82 -25.81
CA TYR A 376 9.80 8.01 -26.57
C TYR A 376 9.99 9.23 -25.65
N PHE A 377 9.05 9.39 -24.72
CA PHE A 377 9.09 10.51 -23.78
C PHE A 377 9.88 10.21 -22.52
N ALA A 378 10.69 9.16 -22.54
CA ALA A 378 11.49 8.81 -21.37
C ALA A 378 12.62 9.86 -21.23
N THR A 379 13.03 10.17 -20.01
CA THR A 379 14.10 11.15 -19.80
C THR A 379 15.34 10.60 -19.12
N PRO A 380 16.45 11.34 -19.18
CA PRO A 380 17.66 10.86 -18.54
C PRO A 380 17.48 10.82 -17.02
N LEU A 381 17.84 9.70 -16.39
CA LEU A 381 17.77 9.63 -14.93
C LEU A 381 18.92 10.49 -14.33
N ILE A 382 18.56 11.36 -13.40
CA ILE A 382 19.51 12.26 -12.74
C ILE A 382 20.31 11.52 -11.67
N ARG A 383 21.60 11.31 -11.91
CA ARG A 383 22.43 10.57 -10.94
C ARG A 383 22.46 11.25 -9.58
N GLY A 384 22.14 10.46 -8.56
CA GLY A 384 22.14 11.00 -7.22
C GLY A 384 20.75 11.40 -6.78
N VAL A 385 19.86 11.70 -7.73
CA VAL A 385 18.46 12.07 -7.41
C VAL A 385 17.48 10.94 -7.78
N ASP A 386 17.45 10.54 -9.05
CA ASP A 386 16.55 9.46 -9.50
C ASP A 386 17.02 8.09 -9.11
N CYS A 387 18.33 7.90 -9.06
CA CYS A 387 18.92 6.63 -8.71
C CYS A 387 20.14 7.02 -7.92
N PRO A 388 20.69 6.09 -7.11
CA PRO A 388 21.89 6.40 -6.32
C PRO A 388 23.06 6.73 -7.27
N TYR A 389 24.02 7.51 -6.80
CA TYR A 389 25.17 7.86 -7.64
C TYR A 389 25.88 6.59 -8.15
N LEU A 390 25.97 5.58 -7.31
CA LEU A 390 26.69 4.38 -7.68
C LEU A 390 25.87 3.27 -8.34
N ALA A 391 24.70 3.63 -8.84
CA ALA A 391 23.88 2.63 -9.55
C ALA A 391 24.48 2.38 -10.92
N THR A 392 24.03 1.32 -11.57
CA THR A 392 24.49 1.01 -12.91
C THR A 392 23.49 1.64 -13.86
N TYR A 393 23.94 2.48 -14.79
CA TYR A 393 23.02 3.08 -15.73
C TYR A 393 23.18 2.50 -17.11
N MET A 394 22.07 2.47 -17.85
CA MET A 394 22.06 1.93 -19.19
C MET A 394 21.36 2.90 -20.15
N ASP A 395 21.82 2.95 -21.39
CA ASP A 395 21.24 3.82 -22.38
C ASP A 395 20.11 3.12 -23.13
N TRP A 396 19.36 3.89 -23.90
CA TRP A 396 18.28 3.34 -24.74
C TRP A 396 18.43 4.03 -26.09
N HIS A 397 18.06 3.37 -27.18
CA HIS A 397 18.18 3.93 -28.51
C HIS A 397 16.84 3.80 -29.21
N PHE A 398 16.49 4.80 -29.99
CA PHE A 398 15.20 4.76 -30.62
C PHE A 398 15.14 5.56 -31.90
N VAL A 399 14.15 5.25 -32.73
CA VAL A 399 13.91 6.03 -33.94
C VAL A 399 12.43 6.30 -33.96
N VAL A 400 12.11 7.53 -33.57
CA VAL A 400 10.77 8.07 -33.51
C VAL A 400 10.86 9.51 -34.03
N GLU A 401 10.13 9.82 -35.09
CA GLU A 401 10.13 11.15 -35.68
C GLU A 401 11.50 11.70 -36.09
N SER A 402 12.37 10.79 -36.52
CA SER A 402 13.69 11.11 -37.00
C SER A 402 14.17 10.01 -37.94
N GLN A 403 15.05 10.33 -38.89
CA GLN A 403 15.53 9.29 -39.78
C GLN A 403 16.89 8.77 -39.36
N THR A 404 17.36 9.26 -38.22
CA THR A 404 18.62 8.82 -37.66
C THR A 404 18.35 8.44 -36.19
N PRO A 405 18.90 7.31 -35.73
CA PRO A 405 18.71 6.85 -34.35
C PRO A 405 19.16 7.89 -33.31
N LYS A 406 18.43 7.97 -32.20
CA LYS A 406 18.76 8.88 -31.11
C LYS A 406 19.09 7.98 -29.92
N THR A 407 19.94 8.45 -29.02
CA THR A 407 20.19 7.63 -27.86
C THR A 407 19.75 8.46 -26.67
N LEU A 408 19.16 7.80 -25.69
CA LEU A 408 18.69 8.44 -24.46
C LEU A 408 19.69 7.99 -23.41
N HIS A 409 20.55 8.90 -23.00
CA HIS A 409 21.55 8.54 -22.00
C HIS A 409 20.89 8.32 -20.64
N ASP A 410 21.33 7.26 -19.96
CA ASP A 410 20.82 6.95 -18.63
C ASP A 410 19.30 6.79 -18.60
N ALA A 411 18.80 5.96 -19.51
CA ALA A 411 17.37 5.71 -19.57
C ALA A 411 16.95 4.71 -18.49
N PHE A 412 17.88 3.86 -18.06
CA PHE A 412 17.55 2.90 -17.01
C PHE A 412 18.64 2.94 -15.97
N CYS A 413 18.35 2.34 -14.83
CA CYS A 413 19.32 2.26 -13.78
C CYS A 413 18.90 1.04 -12.94
N VAL A 414 19.90 0.35 -12.42
CA VAL A 414 19.71 -0.83 -11.58
C VAL A 414 20.62 -0.65 -10.38
N PHE A 415 20.12 -0.95 -9.20
CA PHE A 415 20.90 -0.80 -7.98
C PHE A 415 20.27 -1.58 -6.81
N GLU A 416 21.03 -1.77 -5.74
CA GLU A 416 20.49 -2.46 -4.58
C GLU A 416 20.09 -1.46 -3.53
N GLN A 417 18.88 -1.63 -3.02
CA GLN A 417 18.32 -0.76 -2.02
C GLN A 417 18.13 -1.49 -0.71
N ASN A 418 18.49 -0.83 0.38
CA ASN A 418 18.32 -1.38 1.72
C ASN A 418 17.00 -0.75 2.17
N LYS A 419 15.96 -1.56 2.31
CA LYS A 419 14.65 -1.04 2.73
C LYS A 419 14.65 -0.50 4.16
N GLY A 420 15.70 -0.79 4.91
CA GLY A 420 15.80 -0.34 6.28
C GLY A 420 14.83 -1.04 7.22
N LEU A 421 14.26 -2.15 6.76
CA LEU A 421 13.30 -2.94 7.50
C LEU A 421 13.89 -4.37 7.58
N PRO A 422 13.97 -4.97 8.78
CA PRO A 422 14.53 -6.33 8.78
C PRO A 422 13.66 -7.29 7.98
N LEU A 423 14.29 -8.12 7.15
CA LEU A 423 13.55 -9.10 6.35
C LEU A 423 12.94 -10.17 7.24
N ARG A 424 13.77 -10.75 8.10
CA ARG A 424 13.35 -11.79 9.03
C ARG A 424 13.97 -11.58 10.41
N ARG A 425 13.21 -11.92 11.45
CA ARG A 425 13.68 -11.79 12.83
C ARG A 425 12.72 -12.31 13.89
N HIS A 426 13.30 -12.81 14.99
CA HIS A 426 12.55 -13.31 16.12
C HIS A 426 13.44 -13.24 17.36
N HIS A 427 12.83 -12.97 18.52
CA HIS A 427 13.57 -12.83 19.77
C HIS A 427 12.88 -13.70 20.81
N SER A 428 13.52 -13.85 21.98
CA SER A 428 12.91 -14.64 23.06
C SER A 428 13.31 -14.17 24.48
N ASP A 429 12.95 -15.00 25.48
CA ASP A 429 13.23 -14.78 26.89
C ASP A 429 14.58 -15.42 27.13
N PHE A 430 14.82 -15.99 28.32
CA PHE A 430 16.17 -16.53 28.51
C PHE A 430 16.76 -17.94 28.50
N LEU A 431 17.85 -17.97 27.75
CA LEU A 431 18.66 -19.12 27.50
C LEU A 431 18.13 -20.10 26.49
N SER A 432 17.72 -19.40 25.45
CA SER A 432 17.28 -19.87 24.17
C SER A 432 18.18 -18.76 23.62
N HIS A 433 19.38 -19.13 23.21
CA HIS A 433 20.36 -18.16 22.74
C HIS A 433 20.56 -18.32 21.23
N TYR A 434 19.62 -17.82 20.41
CA TYR A 434 19.78 -18.02 18.96
C TYR A 434 18.85 -17.12 18.15
N PHE A 435 18.59 -15.91 18.67
CA PHE A 435 17.69 -14.95 18.01
C PHE A 435 18.36 -13.82 17.23
N GLY A 436 17.82 -13.54 16.05
CA GLY A 436 18.36 -12.49 15.22
C GLY A 436 17.70 -12.37 13.85
N GLY A 437 18.52 -12.04 12.84
CA GLY A 437 18.04 -11.89 11.48
C GLY A 437 18.99 -11.25 10.48
N VAL A 438 18.44 -10.78 9.38
CA VAL A 438 19.23 -10.13 8.35
C VAL A 438 18.46 -8.93 7.82
N ALA A 439 19.18 -7.92 7.34
CA ALA A 439 18.53 -6.73 6.81
C ALA A 439 17.97 -7.07 5.42
N GLN A 440 17.00 -6.29 4.96
CA GLN A 440 16.36 -6.55 3.67
C GLN A 440 16.87 -5.70 2.51
N THR A 441 17.74 -6.29 1.70
CA THR A 441 18.30 -5.64 0.51
C THR A 441 17.51 -6.10 -0.72
N VAL A 442 17.03 -5.15 -1.52
CA VAL A 442 16.20 -5.44 -2.68
C VAL A 442 16.79 -4.90 -3.99
N LEU A 443 16.56 -5.60 -5.11
CA LEU A 443 17.08 -5.17 -6.42
C LEU A 443 16.08 -4.31 -7.21
N VAL A 444 16.49 -3.11 -7.59
CA VAL A 444 15.63 -2.18 -8.30
C VAL A 444 16.02 -1.87 -9.75
N PHE A 445 15.02 -1.96 -10.62
CA PHE A 445 15.17 -1.65 -12.03
C PHE A 445 14.28 -0.45 -12.24
N ARG A 446 14.86 0.67 -12.63
CA ARG A 446 14.08 1.90 -12.78
C ARG A 446 14.27 2.69 -14.08
N SER A 447 13.23 3.44 -14.44
CA SER A 447 13.25 4.35 -15.60
C SER A 447 12.13 5.41 -15.36
N VAL A 448 12.20 6.54 -16.05
CA VAL A 448 11.23 7.62 -15.85
C VAL A 448 10.67 8.25 -17.13
N SER A 449 9.36 8.34 -17.22
CA SER A 449 8.72 8.95 -18.38
C SER A 449 8.33 10.38 -17.99
N THR A 450 8.57 11.33 -18.87
CA THR A 450 8.18 12.70 -18.58
C THR A 450 7.19 13.08 -19.65
N MET A 451 5.91 12.97 -19.31
CA MET A 451 4.81 13.27 -20.22
C MET A 451 4.29 14.67 -19.98
N LEU A 452 4.74 15.64 -20.76
CA LEU A 452 4.28 17.02 -20.60
C LEU A 452 4.62 17.56 -19.20
N ASN A 453 3.60 17.66 -18.35
CA ASN A 453 3.83 18.13 -16.99
C ASN A 453 4.12 17.00 -15.96
N ASP A 455 5.71 13.41 -14.39
CA ASP A 455 6.94 12.61 -14.40
C ASP A 455 6.44 11.29 -13.81
N TYR A 456 6.66 10.18 -14.51
CA TYR A 456 6.20 8.89 -14.01
C TYR A 456 7.43 8.03 -13.80
N VAL A 457 7.76 7.66 -12.56
CA VAL A 457 8.92 6.80 -12.37
C VAL A 457 8.39 5.37 -12.24
N TRP A 458 8.89 4.50 -13.10
CA TRP A 458 8.45 3.10 -13.12
C TRP A 458 9.40 2.18 -12.41
N ASP A 459 8.93 1.54 -11.36
CA ASP A 459 9.77 0.61 -10.63
C ASP A 459 9.35 -0.83 -10.69
N MET A 460 10.37 -1.68 -10.79
CA MET A 460 10.23 -3.11 -10.74
C MET A 460 11.33 -3.49 -9.72
N VAL A 461 10.90 -4.02 -8.57
CA VAL A 461 11.84 -4.37 -7.51
C VAL A 461 11.76 -5.87 -7.21
N PHE A 462 12.92 -6.52 -7.20
CA PHE A 462 12.98 -7.96 -6.96
C PHE A 462 13.51 -8.29 -5.57
N TYR A 463 12.70 -9.00 -4.79
CA TYR A 463 13.05 -9.39 -3.43
C TYR A 463 13.84 -10.68 -3.36
N PRO A 464 14.63 -10.87 -2.29
CA PRO A 464 15.43 -12.10 -2.12
C PRO A 464 14.63 -13.36 -1.77
N ASN A 465 13.32 -13.23 -1.54
CA ASN A 465 12.47 -14.38 -1.21
C ASN A 465 11.59 -14.84 -2.39
N GLY A 466 11.83 -14.26 -3.56
CA GLY A 466 11.07 -14.66 -4.73
C GLY A 466 9.96 -13.71 -5.10
N ALA A 467 9.73 -12.68 -4.28
CA ALA A 467 8.66 -11.73 -4.55
C ALA A 467 9.07 -10.59 -5.45
N ILE A 468 8.11 -10.10 -6.24
CA ILE A 468 8.35 -8.96 -7.13
C ILE A 468 7.36 -7.84 -6.83
N GLU A 469 7.85 -6.61 -6.76
CA GLU A 469 7.00 -5.45 -6.52
C GLU A 469 7.10 -4.53 -7.72
N VAL A 470 5.95 -4.18 -8.30
CA VAL A 470 5.91 -3.32 -9.48
C VAL A 470 5.11 -2.08 -9.10
N LYS A 471 5.75 -0.91 -9.21
CA LYS A 471 5.11 0.35 -8.84
C LYS A 471 5.32 1.54 -9.76
N LEU A 472 4.35 2.44 -9.65
CA LEU A 472 4.28 3.69 -10.37
C LEU A 472 4.26 4.79 -9.32
N HIS A 473 5.10 5.81 -9.49
CA HIS A 473 5.16 6.96 -8.58
C HIS A 473 5.02 8.18 -9.47
N ALA A 474 4.03 9.00 -9.20
CA ALA A 474 3.82 10.20 -9.99
C ALA A 474 4.39 11.44 -9.30
N THR A 475 5.14 12.23 -10.06
CA THR A 475 5.73 13.44 -9.52
C THR A 475 5.72 14.47 -10.66
N GLY A 476 6.30 15.65 -10.43
CA GLY A 476 6.29 16.65 -11.47
C GLY A 476 5.47 17.86 -11.11
N TYR A 477 4.72 18.38 -12.08
CA TYR A 477 3.90 19.58 -11.90
C TYR A 477 2.46 19.32 -12.33
N ILE A 478 1.50 19.99 -11.72
CA ILE A 478 0.11 19.81 -12.12
C ILE A 478 -0.27 20.78 -13.25
N SER A 479 -1.21 20.39 -14.12
CA SER A 479 -1.63 21.32 -15.16
C SER A 479 -2.77 22.12 -14.51
N SER A 480 -2.75 23.44 -14.67
CA SER A 480 -3.79 24.29 -14.08
C SER A 480 -4.80 24.86 -15.08
N ALA A 481 -5.87 25.43 -14.55
CA ALA A 481 -6.88 26.03 -15.41
C ALA A 481 -7.22 27.40 -14.84
N PHE A 482 -7.61 28.33 -15.71
CA PHE A 482 -7.99 29.66 -15.26
C PHE A 482 -9.27 29.48 -14.39
N LEU A 483 -9.27 30.10 -13.21
CA LEU A 483 -10.40 30.01 -12.27
C LEU A 483 -11.58 30.96 -12.56
N PHE A 484 -12.80 30.42 -12.67
CA PHE A 484 -13.98 31.27 -12.90
C PHE A 484 -15.19 30.42 -12.61
N GLY A 485 -16.34 31.06 -12.45
CA GLY A 485 -17.57 30.33 -12.20
C GLY A 485 -17.51 29.21 -11.16
N ALA A 486 -18.19 28.11 -11.48
CA ALA A 486 -18.28 26.96 -10.62
C ALA A 486 -17.00 26.15 -10.54
N ALA A 487 -15.85 26.82 -10.68
CA ALA A 487 -14.57 26.12 -10.67
C ALA A 487 -14.35 25.08 -9.57
N ARG A 488 -14.67 25.45 -8.33
CA ARG A 488 -14.49 24.54 -7.19
C ARG A 488 -15.27 23.24 -7.27
N ARG A 489 -16.19 23.16 -8.22
CA ARG A 489 -16.97 21.94 -8.40
C ARG A 489 -16.04 20.93 -9.07
N TYR A 490 -14.97 21.42 -9.69
CA TYR A 490 -14.02 20.57 -10.43
C TYR A 490 -12.57 20.54 -9.90
N GLY A 491 -12.34 20.98 -8.68
CA GLY A 491 -11.00 20.99 -8.15
C GLY A 491 -10.84 21.97 -7.03
N ASN A 492 -9.60 22.31 -6.73
CA ASN A 492 -9.32 23.27 -5.67
C ASN A 492 -8.55 24.47 -6.21
N GLN A 493 -8.81 25.62 -5.62
CA GLN A 493 -8.11 26.82 -6.03
C GLN A 493 -6.73 26.65 -5.42
N VAL A 494 -5.69 26.84 -6.22
CA VAL A 494 -4.33 26.68 -5.71
C VAL A 494 -3.45 27.90 -5.91
N GLY A 495 -4.07 29.01 -6.32
CA GLY A 495 -3.33 30.24 -6.57
C GLY A 495 -4.29 31.32 -6.98
N GLU A 496 -3.76 32.46 -7.41
CA GLU A 496 -4.61 33.57 -7.86
C GLU A 496 -5.09 33.21 -9.26
N HIS A 497 -6.40 33.31 -9.47
CA HIS A 497 -7.01 33.00 -10.76
C HIS A 497 -6.72 31.59 -11.29
N THR A 498 -6.17 30.75 -10.43
CA THR A 498 -5.78 29.39 -10.82
C THR A 498 -6.46 28.22 -10.11
N LEU A 499 -7.04 27.33 -10.89
CA LEU A 499 -7.65 26.13 -10.30
C LEU A 499 -6.77 24.91 -10.60
N GLY A 500 -6.63 24.00 -9.65
CA GLY A 500 -5.89 22.77 -9.89
C GLY A 500 -7.01 21.74 -10.12
N PRO A 501 -7.30 21.34 -11.38
CA PRO A 501 -8.37 20.40 -11.74
C PRO A 501 -8.25 18.94 -11.40
N VAL A 502 -9.36 18.34 -10.99
CA VAL A 502 -9.41 16.92 -10.64
C VAL A 502 -9.01 16.03 -11.79
N HIS A 503 -8.44 14.89 -11.45
CA HIS A 503 -8.09 13.87 -12.42
C HIS A 503 -7.74 12.57 -11.71
N THR A 504 -7.84 11.49 -12.45
CA THR A 504 -7.49 10.19 -11.94
C THR A 504 -6.17 9.83 -12.66
N HIS A 505 -5.35 8.97 -12.05
CA HIS A 505 -4.12 8.49 -12.69
C HIS A 505 -4.29 6.99 -12.71
N SER A 506 -4.14 6.40 -13.88
CA SER A 506 -4.27 4.96 -14.05
C SER A 506 -3.09 4.43 -14.84
N ALA A 507 -2.74 3.18 -14.56
CA ALA A 507 -1.69 2.49 -15.27
C ALA A 507 -2.19 1.05 -15.42
N HIS A 508 -1.79 0.40 -16.52
CA HIS A 508 -2.17 -0.97 -16.80
C HIS A 508 -0.91 -1.79 -17.07
N TYR A 509 -0.84 -2.99 -16.50
CA TYR A 509 0.34 -3.84 -16.69
C TYR A 509 -0.02 -5.21 -17.24
N LYS A 510 0.90 -5.78 -18.01
CA LYS A 510 0.72 -7.09 -18.58
C LYS A 510 1.65 -7.99 -17.76
N VAL A 511 1.08 -8.99 -17.11
CA VAL A 511 1.88 -9.86 -16.29
C VAL A 511 1.75 -11.30 -16.79
N ASP A 512 2.69 -11.71 -17.64
CA ASP A 512 2.65 -13.05 -18.18
C ASP A 512 3.39 -14.09 -17.34
N LEU A 513 2.77 -14.45 -16.23
CA LEU A 513 3.35 -15.44 -15.33
C LEU A 513 3.25 -16.84 -15.98
N ASP A 514 4.31 -17.62 -15.87
CA ASP A 514 4.32 -18.99 -16.39
C ASP A 514 4.69 -19.78 -15.16
N VAL A 515 3.71 -20.02 -14.30
CA VAL A 515 3.97 -20.69 -13.04
C VAL A 515 4.25 -22.18 -13.22
N GLY A 516 5.52 -22.55 -12.98
CA GLY A 516 5.94 -23.93 -13.12
C GLY A 516 5.79 -24.43 -14.55
N GLY A 517 5.79 -23.48 -15.49
CA GLY A 517 5.61 -23.83 -16.89
C GLY A 517 4.46 -23.02 -17.44
N LEU A 518 4.10 -23.32 -18.68
CA LEU A 518 3.04 -22.60 -19.40
C LEU A 518 1.61 -22.86 -18.97
N GLU A 519 1.25 -24.13 -18.79
CA GLU A 519 -0.12 -24.51 -18.41
C GLU A 519 -0.49 -24.05 -17.00
N ASN A 520 -1.40 -23.10 -16.89
CA ASN A 520 -1.79 -22.60 -15.58
C ASN A 520 -3.27 -22.58 -15.31
N TRP A 521 -3.59 -22.57 -14.02
CA TRP A 521 -4.96 -22.49 -13.54
C TRP A 521 -5.00 -21.30 -12.58
N VAL A 522 -6.18 -20.72 -12.44
CA VAL A 522 -6.40 -19.61 -11.54
C VAL A 522 -7.16 -20.08 -10.30
N TRP A 523 -6.62 -19.77 -9.12
CA TRP A 523 -7.27 -20.13 -7.86
C TRP A 523 -7.70 -18.91 -7.06
N ALA A 524 -8.92 -18.95 -6.52
CA ALA A 524 -9.45 -17.88 -5.69
C ALA A 524 -9.60 -18.43 -4.29
N GLU A 525 -8.83 -17.91 -3.33
CA GLU A 525 -8.94 -18.40 -1.97
C GLU A 525 -9.29 -17.24 -1.09
N ASP A 526 -10.06 -17.49 -0.04
CA ASP A 526 -10.48 -16.43 0.86
C ASP A 526 -10.82 -17.03 2.21
N MET A 527 -11.48 -16.23 3.04
CA MET A 527 -11.86 -16.67 4.36
C MET A 527 -13.35 -16.64 4.51
N ALA A 528 -13.85 -17.30 5.55
CA ALA A 528 -15.27 -17.30 5.81
C ALA A 528 -15.46 -17.75 7.23
N PHE A 529 -16.60 -17.38 7.80
CA PHE A 529 -16.94 -17.76 9.16
C PHE A 529 -18.22 -18.59 9.09
N VAL A 530 -18.20 -19.73 9.75
CA VAL A 530 -19.36 -20.62 9.79
C VAL A 530 -19.54 -21.02 11.27
N PRO A 531 -20.70 -20.71 11.87
CA PRO A 531 -20.86 -21.09 13.28
C PRO A 531 -20.99 -22.60 13.44
N THR A 532 -20.23 -23.13 14.39
CA THR A 532 -20.18 -24.56 14.67
C THR A 532 -20.16 -24.89 16.15
N ALA A 533 -20.85 -25.96 16.57
CA ALA A 533 -20.79 -26.28 17.99
C ALA A 533 -19.35 -26.47 18.42
N ILE A 534 -19.07 -26.14 19.68
CA ILE A 534 -17.73 -26.34 20.23
C ILE A 534 -17.68 -27.78 20.68
N PRO A 535 -16.77 -28.59 20.11
CA PRO A 535 -16.68 -30.00 20.49
C PRO A 535 -16.65 -30.26 22.01
N TRP A 536 -15.78 -29.57 22.73
CA TRP A 536 -15.68 -29.80 24.16
C TRP A 536 -16.72 -29.08 25.03
N SER A 537 -17.73 -28.52 24.39
CA SER A 537 -18.79 -27.78 25.08
C SER A 537 -19.90 -27.58 24.03
N PRO A 538 -20.57 -28.67 23.61
CA PRO A 538 -21.63 -28.60 22.58
C PRO A 538 -22.74 -27.57 22.70
N GLU A 539 -23.01 -27.08 23.91
CA GLU A 539 -24.06 -26.07 24.09
C GLU A 539 -23.58 -24.72 23.60
N HIS A 540 -22.29 -24.61 23.29
CA HIS A 540 -21.71 -23.36 22.83
C HIS A 540 -21.27 -23.39 21.37
N GLN A 541 -21.46 -22.27 20.67
CA GLN A 541 -21.05 -22.22 19.30
C GLN A 541 -19.85 -21.32 19.19
N ILE A 542 -19.30 -21.29 18.00
CA ILE A 542 -18.11 -20.48 17.77
C ILE A 542 -18.05 -20.18 16.28
N GLN A 543 -17.85 -18.90 15.95
CA GLN A 543 -17.75 -18.49 14.55
C GLN A 543 -16.44 -19.06 14.06
N ARG A 544 -16.54 -20.18 13.36
CA ARG A 544 -15.38 -20.90 12.87
C ARG A 544 -14.73 -20.30 11.61
N LEU A 545 -13.53 -19.74 11.77
CA LEU A 545 -12.80 -19.17 10.65
C LEU A 545 -12.26 -20.29 9.78
N GLN A 546 -12.39 -20.14 8.47
CA GLN A 546 -11.87 -21.15 7.58
C GLN A 546 -11.49 -20.55 6.23
N VAL A 547 -10.85 -21.37 5.42
CA VAL A 547 -10.38 -20.96 4.11
C VAL A 547 -11.38 -21.47 3.07
N THR A 548 -11.65 -20.68 2.05
CA THR A 548 -12.55 -21.14 1.00
C THR A 548 -11.67 -21.19 -0.23
N ARG A 549 -11.91 -22.15 -1.12
CA ARG A 549 -11.12 -22.27 -2.34
C ARG A 549 -11.95 -22.61 -3.56
N LYS A 550 -11.71 -21.93 -4.68
CA LYS A 550 -12.43 -22.20 -5.91
C LYS A 550 -11.52 -22.06 -7.12
N GLN A 551 -11.47 -23.09 -7.95
CA GLN A 551 -10.66 -23.02 -9.16
C GLN A 551 -11.50 -22.29 -10.19
N LEU A 552 -11.06 -21.13 -10.67
CA LEU A 552 -11.88 -20.41 -11.65
C LEU A 552 -11.86 -21.17 -12.98
N GLU A 553 -12.96 -21.14 -13.73
CA GLU A 553 -12.98 -21.88 -14.98
C GLU A 553 -12.93 -21.05 -16.26
N THR A 554 -13.53 -19.87 -16.26
CA THR A 554 -13.52 -19.07 -17.46
C THR A 554 -13.06 -17.61 -17.22
N GLU A 555 -12.62 -16.98 -18.30
CA GLU A 555 -12.13 -15.60 -18.27
C GLU A 555 -13.12 -14.65 -17.61
N GLU A 556 -14.41 -14.86 -17.86
CA GLU A 556 -15.43 -14.00 -17.27
C GLU A 556 -15.37 -14.00 -15.73
N GLN A 557 -15.03 -15.16 -15.15
CA GLN A 557 -14.96 -15.29 -13.71
C GLN A 557 -13.69 -14.72 -13.12
N ALA A 558 -12.72 -14.41 -13.97
CA ALA A 558 -11.45 -13.87 -13.50
C ALA A 558 -11.28 -12.40 -13.89
N ALA A 559 -12.37 -11.75 -14.30
CA ALA A 559 -12.36 -10.33 -14.67
C ALA A 559 -12.99 -9.56 -13.51
N PHE A 560 -12.18 -9.16 -12.53
CA PHE A 560 -12.64 -8.46 -11.32
C PHE A 560 -12.82 -6.95 -11.49
N PRO A 561 -14.06 -6.46 -11.34
CA PRO A 561 -14.45 -5.05 -11.47
C PRO A 561 -13.72 -4.11 -10.55
N LEU A 562 -13.20 -3.02 -11.11
CA LEU A 562 -12.47 -2.04 -10.30
C LEU A 562 -13.34 -1.55 -9.14
N GLY A 563 -12.75 -1.52 -7.95
CA GLY A 563 -13.45 -1.08 -6.76
C GLY A 563 -14.42 -2.09 -6.20
N GLY A 564 -14.54 -3.22 -6.90
CA GLY A 564 -15.45 -4.27 -6.48
C GLY A 564 -14.76 -5.24 -5.56
N ALA A 565 -15.42 -6.36 -5.30
CA ALA A 565 -14.83 -7.35 -4.42
C ALA A 565 -14.08 -8.38 -5.26
N SER A 566 -12.97 -8.87 -4.71
CA SER A 566 -12.17 -9.90 -5.38
C SER A 566 -11.52 -10.76 -4.32
N PRO A 567 -11.26 -12.03 -4.63
CA PRO A 567 -10.65 -12.91 -3.64
C PRO A 567 -9.42 -12.29 -3.00
N ARG A 568 -9.23 -12.49 -1.70
CA ARG A 568 -8.05 -11.92 -1.05
C ARG A 568 -6.79 -12.61 -1.52
N TYR A 569 -6.91 -13.90 -1.87
CA TYR A 569 -5.75 -14.65 -2.34
C TYR A 569 -6.07 -15.14 -3.73
N LEU A 570 -5.54 -14.46 -4.74
CA LEU A 570 -5.76 -14.89 -6.09
C LEU A 570 -4.40 -15.23 -6.68
N TYR A 571 -4.27 -16.45 -7.21
CA TYR A 571 -2.98 -16.80 -7.77
C TYR A 571 -3.11 -17.67 -9.01
N LEU A 572 -2.04 -17.74 -9.79
CA LEU A 572 -1.98 -18.59 -10.98
C LEU A 572 -1.16 -19.78 -10.50
N ALA A 573 -1.57 -20.99 -10.88
CA ALA A 573 -0.89 -22.19 -10.44
C ALA A 573 -0.60 -23.21 -11.54
N SER A 574 0.45 -23.98 -11.35
CA SER A 574 0.76 -25.04 -12.31
C SER A 574 -0.05 -26.27 -11.88
N LYS A 575 0.11 -27.33 -12.66
CA LYS A 575 -0.56 -28.60 -12.41
C LYS A 575 0.16 -29.32 -11.26
N GLN A 576 1.48 -29.15 -11.18
CA GLN A 576 2.25 -29.80 -10.13
C GLN A 576 2.12 -29.10 -8.79
N SER A 577 2.18 -29.89 -7.72
CA SER A 577 2.10 -29.36 -6.38
C SER A 577 3.49 -29.26 -5.77
N ASN A 578 3.60 -28.61 -4.63
CA ASN A 578 4.90 -28.52 -3.99
C ASN A 578 5.00 -29.83 -3.19
N LYS A 579 6.02 -29.96 -2.37
CA LYS A 579 6.21 -31.16 -1.60
C LYS A 579 5.01 -31.51 -0.69
N TRP A 580 4.30 -30.49 -0.19
CA TRP A 580 3.17 -30.71 0.71
C TRP A 580 1.80 -30.89 0.08
N GLY A 581 1.75 -31.10 -1.23
CA GLY A 581 0.49 -31.30 -1.89
C GLY A 581 -0.35 -30.08 -2.26
N HIS A 582 0.23 -28.88 -2.28
CA HIS A 582 -0.56 -27.71 -2.64
C HIS A 582 -0.08 -27.21 -4.00
N PRO A 583 -1.02 -26.73 -4.84
CA PRO A 583 -0.64 -26.23 -6.16
C PRO A 583 0.47 -25.19 -6.04
N ARG A 584 1.50 -25.29 -6.87
CA ARG A 584 2.56 -24.32 -6.81
C ARG A 584 1.98 -23.02 -7.35
N GLY A 585 2.17 -21.90 -6.67
CA GLY A 585 1.58 -20.71 -7.22
C GLY A 585 2.22 -19.37 -6.92
N TYR A 586 1.85 -18.38 -7.73
CA TYR A 586 2.30 -17.01 -7.54
C TYR A 586 1.04 -16.17 -7.47
N ARG A 587 0.83 -15.50 -6.35
CA ARG A 587 -0.35 -14.68 -6.27
C ARG A 587 -0.05 -13.21 -6.58
N ILE A 588 -1.10 -12.52 -6.99
CA ILE A 588 -1.04 -11.13 -7.36
C ILE A 588 -1.79 -10.34 -6.28
N GLN A 589 -1.12 -9.36 -5.70
CA GLN A 589 -1.72 -8.53 -4.67
C GLN A 589 -1.66 -7.10 -5.17
N THR A 590 -2.79 -6.56 -5.61
CA THR A 590 -2.80 -5.19 -6.12
C THR A 590 -2.82 -4.14 -5.03
N VAL A 591 -2.16 -3.02 -5.29
CA VAL A 591 -2.10 -1.92 -4.34
C VAL A 591 -2.48 -0.65 -5.09
N SER A 592 -3.72 -0.20 -4.93
CA SER A 592 -4.15 1.02 -5.56
C SER A 592 -5.27 1.69 -4.79
N PHE A 593 -5.55 2.93 -5.17
CA PHE A 593 -6.58 3.73 -4.54
C PHE A 593 -7.29 4.39 -5.71
N ALA A 594 -7.58 3.57 -6.73
CA ALA A 594 -8.23 4.02 -7.95
C ALA A 594 -9.50 4.78 -7.68
N GLY A 595 -9.89 5.61 -8.65
CA GLY A 595 -11.06 6.44 -8.46
C GLY A 595 -12.47 6.04 -8.91
N GLY A 596 -12.68 4.93 -9.55
CA GLY A 596 -14.06 4.69 -9.95
C GLY A 596 -14.02 4.73 -11.45
N PRO A 597 -14.42 3.66 -12.13
CA PRO A 597 -14.41 3.60 -13.58
C PRO A 597 -15.20 4.63 -14.33
N MET A 598 -14.71 5.00 -15.51
CA MET A 598 -15.40 5.92 -16.36
C MET A 598 -16.70 5.18 -16.71
N PRO A 599 -17.86 5.87 -16.74
CA PRO A 599 -19.11 5.15 -17.08
C PRO A 599 -19.01 4.56 -18.50
N GLN A 600 -19.53 3.35 -18.68
CA GLN A 600 -19.46 2.73 -19.99
C GLN A 600 -20.32 3.45 -21.02
N ASN A 601 -21.08 4.44 -20.54
CA ASN A 601 -21.94 5.26 -21.40
C ASN A 601 -21.07 6.24 -22.20
N SER A 602 -19.85 6.49 -21.72
CA SER A 602 -18.99 7.43 -22.42
C SER A 602 -18.73 6.87 -23.80
N PRO A 603 -18.97 7.64 -24.84
CA PRO A 603 -18.72 7.11 -26.18
C PRO A 603 -17.25 6.71 -26.40
N MET A 604 -16.36 7.06 -25.48
CA MET A 604 -14.96 6.71 -25.65
C MET A 604 -14.35 5.76 -24.63
N GLU A 605 -15.10 5.33 -23.61
CA GLU A 605 -14.48 4.49 -22.59
C GLU A 605 -13.94 3.13 -23.05
N ARG A 606 -14.45 2.61 -24.17
CA ARG A 606 -13.95 1.34 -24.71
C ARG A 606 -12.45 1.40 -25.05
N ALA A 607 -11.95 2.57 -25.44
CA ALA A 607 -10.54 2.71 -25.78
C ALA A 607 -9.62 2.44 -24.57
N PHE A 608 -10.15 2.62 -23.35
CA PHE A 608 -9.39 2.33 -22.14
C PHE A 608 -10.21 1.44 -21.23
N SER A 609 -10.90 0.47 -21.84
CA SER A 609 -11.76 -0.45 -21.08
C SER A 609 -10.99 -1.33 -20.11
N TRP A 610 -9.67 -1.25 -20.10
CA TRP A 610 -8.89 -2.01 -19.14
C TRP A 610 -9.19 -1.35 -17.79
N GLY A 611 -9.58 -0.07 -17.84
CA GLY A 611 -9.90 0.63 -16.62
C GLY A 611 -11.12 0.07 -15.91
N ARG A 612 -11.87 -0.82 -16.53
CA ARG A 612 -13.05 -1.41 -15.89
C ARG A 612 -12.65 -2.43 -14.83
N TYR A 613 -11.44 -3.00 -14.96
CA TYR A 613 -11.01 -4.03 -14.02
C TYR A 613 -9.81 -3.73 -13.12
N GLN A 614 -9.83 -4.33 -11.94
CA GLN A 614 -8.74 -4.19 -10.98
C GLN A 614 -7.70 -5.22 -11.41
N LEU A 615 -8.19 -6.35 -11.92
CA LEU A 615 -7.38 -7.46 -12.36
C LEU A 615 -8.18 -8.33 -13.33
N ALA A 616 -7.53 -8.86 -14.35
CA ALA A 616 -8.20 -9.76 -15.28
C ALA A 616 -7.20 -10.78 -15.81
N ILE A 617 -7.65 -12.04 -15.92
CA ILE A 617 -6.83 -13.13 -16.42
C ILE A 617 -7.44 -13.61 -17.74
N THR A 618 -6.63 -13.71 -18.78
CA THR A 618 -7.12 -14.16 -20.07
C THR A 618 -6.11 -15.17 -20.64
N GLN A 619 -6.44 -15.80 -21.75
CA GLN A 619 -5.48 -16.70 -22.39
C GLN A 619 -4.46 -15.83 -23.15
N ARG A 620 -3.18 -16.14 -23.00
CA ARG A 620 -2.09 -15.42 -23.70
C ARG A 620 -2.34 -15.69 -25.17
N LYS A 621 -2.46 -14.67 -25.99
CA LYS A 621 -2.65 -14.87 -27.41
C LYS A 621 -1.64 -14.03 -28.18
N GLU A 622 -1.02 -14.62 -29.21
CA GLU A 622 -0.04 -13.90 -30.01
C GLU A 622 -0.75 -12.68 -30.62
N THR A 623 -2.03 -12.87 -30.90
CA THR A 623 -2.85 -11.85 -31.51
C THR A 623 -3.31 -10.72 -30.56
N GLU A 624 -2.99 -10.86 -29.27
CA GLU A 624 -3.37 -9.87 -28.27
C GLU A 624 -2.13 -9.47 -27.48
N PRO A 625 -1.14 -8.86 -28.16
CA PRO A 625 0.11 -8.43 -27.52
C PRO A 625 -0.02 -7.31 -26.51
N SER A 626 -0.95 -6.37 -26.78
CA SER A 626 -1.18 -5.19 -25.96
C SER A 626 -2.64 -4.87 -25.63
N SER A 627 -2.86 -4.25 -24.47
CA SER A 627 -4.20 -3.88 -23.99
C SER A 627 -4.58 -2.49 -24.47
N SER A 628 -3.68 -1.84 -25.19
CA SER A 628 -3.97 -0.49 -25.70
C SER A 628 -3.29 -0.31 -27.05
N SER A 629 -3.31 0.90 -27.60
CA SER A 629 -2.70 1.16 -28.88
C SER A 629 -2.24 2.60 -28.98
N VAL A 630 -1.15 2.81 -29.72
CA VAL A 630 -0.63 4.15 -29.91
C VAL A 630 -1.73 4.88 -30.63
N PHE A 631 -2.52 4.13 -31.41
CA PHE A 631 -3.59 4.74 -32.21
C PHE A 631 -4.92 5.03 -31.54
N ASN A 632 -5.07 4.63 -30.26
CA ASN A 632 -6.30 4.89 -29.53
C ASN A 632 -6.44 6.38 -29.17
N GLN A 633 -5.33 7.04 -28.82
CA GLN A 633 -5.43 8.41 -28.36
C GLN A 633 -6.15 9.37 -29.29
N ASN A 634 -5.79 9.40 -30.56
CA ASN A 634 -6.45 10.30 -31.48
C ASN A 634 -7.77 9.77 -32.05
N ASP A 635 -8.25 8.66 -31.53
CA ASP A 635 -9.52 8.11 -32.00
C ASP A 635 -10.09 7.10 -31.00
N PRO A 636 -10.50 7.57 -29.80
CA PRO A 636 -11.04 6.63 -28.83
C PRO A 636 -12.47 6.18 -29.10
N TRP A 637 -13.19 6.90 -29.95
CA TRP A 637 -14.58 6.57 -30.28
C TRP A 637 -14.74 5.27 -31.05
N THR A 638 -13.67 4.88 -31.75
CA THR A 638 -13.59 3.64 -32.55
C THR A 638 -12.15 3.19 -32.27
N PRO A 639 -11.95 2.57 -31.10
CA PRO A 639 -10.63 2.09 -30.65
C PRO A 639 -9.98 1.06 -31.54
N THR A 640 -8.66 1.17 -31.67
CA THR A 640 -7.92 0.22 -32.48
C THR A 640 -7.73 -1.04 -31.62
N VAL A 641 -7.75 -0.86 -30.30
CA VAL A 641 -7.62 -1.96 -29.34
C VAL A 641 -8.59 -1.65 -28.20
N ASP A 642 -9.44 -2.62 -27.89
CA ASP A 642 -10.45 -2.52 -26.84
C ASP A 642 -10.17 -3.74 -26.00
N PHE A 643 -9.44 -3.51 -24.92
CA PHE A 643 -9.07 -4.58 -24.03
C PHE A 643 -10.20 -5.54 -23.64
N SER A 644 -11.40 -5.03 -23.36
CA SER A 644 -12.48 -5.94 -22.96
C SER A 644 -12.76 -7.00 -24.03
N ASP A 645 -12.38 -6.71 -25.27
CA ASP A 645 -12.56 -7.69 -26.33
C ASP A 645 -11.82 -8.97 -25.99
N PHE A 646 -10.72 -8.86 -25.24
CA PHE A 646 -9.94 -10.04 -24.88
C PHE A 646 -10.67 -10.97 -23.92
N ILE A 647 -11.68 -10.43 -23.25
CA ILE A 647 -12.45 -11.22 -22.28
C ILE A 647 -13.69 -11.76 -22.97
N ASN A 648 -13.60 -13.00 -23.46
CA ASN A 648 -14.71 -13.62 -24.18
C ASN A 648 -15.09 -15.02 -23.74
N ASN A 649 -15.21 -15.20 -22.43
CA ASN A 649 -15.61 -16.48 -21.83
C ASN A 649 -14.84 -17.75 -22.23
N GLU A 650 -13.56 -17.63 -22.59
CA GLU A 650 -12.78 -18.82 -22.94
C GLU A 650 -12.36 -19.55 -21.66
N THR A 651 -11.90 -20.78 -21.79
CA THR A 651 -11.48 -21.51 -20.61
C THR A 651 -10.17 -20.95 -20.10
N ILE A 652 -9.96 -21.01 -18.79
CA ILE A 652 -8.68 -20.57 -18.22
C ILE A 652 -8.19 -21.72 -17.34
N ALA A 653 -8.56 -22.94 -17.71
CA ALA A 653 -8.15 -24.10 -16.99
C ALA A 653 -7.05 -24.85 -17.73
N GLY A 654 -5.81 -24.68 -17.28
CA GLY A 654 -4.71 -25.36 -17.93
C GLY A 654 -4.24 -24.75 -19.24
N LYS A 655 -4.21 -23.42 -19.32
CA LYS A 655 -3.76 -22.72 -20.54
C LYS A 655 -2.63 -21.76 -20.22
N ASP A 656 -2.04 -21.15 -21.25
CA ASP A 656 -1.01 -20.15 -21.03
C ASP A 656 -1.86 -18.93 -20.60
N LEU A 657 -1.69 -18.51 -19.35
CA LEU A 657 -2.48 -17.40 -18.82
C LEU A 657 -1.73 -16.09 -18.74
N VAL A 658 -2.45 -15.00 -18.82
CA VAL A 658 -1.82 -13.69 -18.69
C VAL A 658 -2.67 -12.87 -17.75
N ALA A 659 -2.02 -12.25 -16.79
CA ALA A 659 -2.73 -11.43 -15.82
C ALA A 659 -2.49 -9.98 -16.20
N TRP A 660 -3.54 -9.17 -16.18
CA TRP A 660 -3.43 -7.76 -16.50
C TRP A 660 -3.91 -6.97 -15.30
N VAL A 661 -3.05 -6.11 -14.77
CA VAL A 661 -3.42 -5.33 -13.61
C VAL A 661 -3.56 -3.85 -13.93
N THR A 662 -4.53 -3.23 -13.28
CA THR A 662 -4.83 -1.81 -13.41
C THR A 662 -4.46 -1.18 -12.06
N ALA A 663 -3.74 -0.07 -12.04
CA ALA A 663 -3.52 0.54 -10.75
C ALA A 663 -3.64 2.04 -10.95
N GLY A 664 -4.16 2.75 -9.95
CA GLY A 664 -4.26 4.19 -10.02
C GLY A 664 -4.75 4.84 -8.74
N PHE A 665 -5.05 6.14 -8.83
CA PHE A 665 -5.56 6.87 -7.69
C PHE A 665 -6.25 8.17 -8.15
N LEU A 666 -6.99 8.78 -7.25
CA LEU A 666 -7.68 10.03 -7.55
C LEU A 666 -6.74 11.13 -7.10
N HIS A 667 -6.69 12.20 -7.87
CA HIS A 667 -5.86 13.33 -7.50
C HIS A 667 -6.69 14.61 -7.55
N ILE A 668 -6.96 15.19 -6.38
CA ILE A 668 -7.66 16.46 -6.30
C ILE A 668 -6.50 17.36 -5.90
N PRO A 669 -6.00 18.18 -6.83
CA PRO A 669 -4.88 19.03 -6.46
C PRO A 669 -5.16 19.90 -5.24
N HIS A 670 -4.11 20.14 -4.46
CA HIS A 670 -4.20 20.96 -3.27
C HIS A 670 -2.96 21.84 -3.20
N ALA A 671 -3.02 22.84 -2.33
CA ALA A 671 -1.95 23.81 -2.18
C ALA A 671 -0.59 23.17 -2.07
N GLU A 672 -0.51 22.05 -1.36
CA GLU A 672 0.77 21.39 -1.19
C GLU A 672 1.37 20.92 -2.51
N ASP A 673 0.57 20.85 -3.56
CA ASP A 673 1.05 20.47 -4.88
C ASP A 673 1.79 21.59 -5.62
N ILE A 674 1.86 22.78 -5.03
CA ILE A 674 2.51 23.89 -5.70
C ILE A 674 3.80 24.29 -5.03
N PRO A 675 4.88 24.46 -5.80
CA PRO A 675 4.98 24.32 -7.26
C PRO A 675 5.15 22.90 -7.80
N ASN A 676 5.47 21.92 -6.97
CA ASN A 676 5.58 20.56 -7.51
C ASN A 676 5.04 19.50 -6.56
N THR A 677 4.38 18.48 -7.11
CA THR A 677 3.79 17.41 -6.30
C THR A 677 4.86 16.37 -5.99
N VAL A 678 4.80 15.81 -4.79
CA VAL A 678 5.80 14.85 -4.37
C VAL A 678 5.33 13.41 -4.34
N THR A 679 6.31 12.51 -4.32
CA THR A 679 6.09 11.07 -4.31
C THR A 679 5.90 10.46 -2.93
N VAL A 680 5.32 11.16 -1.94
CA VAL A 680 5.19 10.56 -0.62
C VAL A 680 4.30 9.31 -0.65
N GLY A 681 4.81 8.19 -0.15
CA GLY A 681 4.06 6.95 -0.14
C GLY A 681 4.87 5.86 -0.82
N ASN A 682 4.24 4.75 -1.20
CA ASN A 682 5.00 3.69 -1.85
C ASN A 682 4.46 3.39 -3.24
N GLY A 683 3.83 4.40 -3.83
CA GLY A 683 3.31 4.27 -5.17
C GLY A 683 2.09 3.40 -5.35
N VAL A 684 1.82 3.08 -6.59
CA VAL A 684 0.66 2.28 -6.91
C VAL A 684 1.06 1.17 -7.86
N GLY A 685 0.49 -0.01 -7.69
CA GLY A 685 0.86 -1.13 -8.56
C GLY A 685 0.44 -2.49 -8.05
N PHE A 686 1.42 -3.36 -7.76
CA PHE A 686 1.08 -4.70 -7.30
C PHE A 686 2.28 -5.51 -6.83
N PHE A 687 1.99 -6.61 -6.13
CA PHE A 687 3.01 -7.51 -5.66
C PHE A 687 2.72 -8.86 -6.27
N LEU A 688 3.77 -9.60 -6.60
CA LEU A 688 3.65 -10.96 -7.13
C LEU A 688 4.32 -11.75 -6.01
N ARG A 689 3.60 -12.66 -5.37
CA ARG A 689 4.18 -13.41 -4.26
C ARG A 689 4.07 -14.91 -4.41
N PRO A 690 5.13 -15.63 -4.05
CA PRO A 690 5.13 -17.10 -4.13
C PRO A 690 4.17 -17.67 -3.09
N TYR A 691 3.29 -18.56 -3.52
CA TYR A 691 2.33 -19.19 -2.61
C TYR A 691 2.37 -20.73 -2.81
N ASN A 692 3.14 -21.42 -1.96
CA ASN A 692 3.35 -22.89 -2.01
C ASN A 692 4.08 -23.27 -3.31
N PHE A 693 4.80 -22.30 -3.88
CA PHE A 693 5.57 -22.47 -5.10
C PHE A 693 6.87 -23.19 -4.72
N PHE A 694 7.32 -22.97 -3.47
CA PHE A 694 8.55 -23.57 -2.95
C PHE A 694 8.12 -24.57 -1.89
N ASP A 695 9.08 -25.28 -1.31
CA ASP A 695 8.76 -26.24 -0.26
C ASP A 695 9.03 -25.67 1.12
N GLN A 696 9.65 -24.49 1.17
CA GLN A 696 9.98 -23.79 2.42
C GLN A 696 10.55 -22.45 2.01
N GLU A 697 10.96 -21.64 2.97
CA GLU A 697 11.57 -20.35 2.68
C GLU A 697 12.75 -20.60 1.73
N PRO A 698 12.79 -19.91 0.58
CA PRO A 698 13.91 -20.14 -0.33
C PRO A 698 15.23 -19.68 0.24
N SER A 699 16.31 -20.24 -0.27
CA SER A 699 17.65 -19.86 0.19
C SER A 699 18.01 -18.46 -0.32
N MET A 700 19.08 -17.89 0.23
CA MET A 700 19.52 -16.58 -0.21
C MET A 700 21.02 -16.45 -0.20
N ASP A 701 21.55 -15.83 -1.24
CA ASP A 701 22.97 -15.64 -1.42
C ASP A 701 23.27 -14.15 -1.60
N GLN B 41 8.80 17.64 30.56
CA GLN B 41 8.53 16.33 29.90
C GLN B 41 7.38 15.65 30.59
N LEU B 42 6.16 16.07 30.29
CA LEU B 42 4.98 15.48 30.92
C LEU B 42 4.42 14.24 30.21
N PHE B 43 5.01 13.84 29.08
CA PHE B 43 4.54 12.65 28.40
C PHE B 43 5.57 11.55 28.51
N ALA B 44 6.71 11.84 29.14
CA ALA B 44 7.75 10.84 29.23
C ALA B 44 7.36 9.70 30.15
N ASP B 45 7.76 8.49 29.78
CA ASP B 45 7.46 7.31 30.59
C ASP B 45 8.12 7.45 31.97
N LEU B 46 7.51 6.86 32.99
CA LEU B 46 8.09 6.94 34.32
C LEU B 46 9.52 6.40 34.27
N SER B 47 10.43 7.05 34.99
CA SER B 47 11.81 6.61 35.00
C SER B 47 12.03 5.59 36.10
N ARG B 48 13.19 4.93 36.04
CA ARG B 48 13.59 3.92 36.99
C ARG B 48 13.40 4.44 38.43
N GLU B 49 13.73 5.70 38.63
CA GLU B 49 13.59 6.31 39.94
C GLU B 49 12.14 6.50 40.36
N GLU B 50 11.31 6.99 39.44
CA GLU B 50 9.89 7.23 39.79
C GLU B 50 9.17 5.90 40.01
N LEU B 51 9.55 4.91 39.20
CA LEU B 51 8.99 3.56 39.31
C LEU B 51 9.30 3.02 40.71
N THR B 52 10.53 3.22 41.18
CA THR B 52 10.91 2.76 42.51
C THR B 52 10.14 3.53 43.58
N THR B 53 10.01 4.85 43.41
CA THR B 53 9.28 5.65 44.42
C THR B 53 7.85 5.18 44.58
N VAL B 54 7.12 5.09 43.47
CA VAL B 54 5.72 4.66 43.54
C VAL B 54 5.62 3.31 44.21
N MET B 55 6.53 2.42 43.86
CA MET B 55 6.51 1.09 44.43
C MET B 55 6.68 1.21 45.96
N SER B 56 7.68 1.97 46.41
CA SER B 56 7.90 2.15 47.85
C SER B 56 6.66 2.67 48.53
N PHE B 57 6.02 3.64 47.89
CA PHE B 57 4.83 4.26 48.41
C PHE B 57 3.70 3.25 48.50
N LEU B 58 3.63 2.36 47.52
CA LEU B 58 2.57 1.37 47.52
C LEU B 58 2.74 0.33 48.64
N THR B 59 3.98 -0.10 48.86
CA THR B 59 4.28 -1.09 49.88
C THR B 59 3.95 -0.49 51.24
N GLN B 60 4.29 0.78 51.39
CA GLN B 60 4.10 1.51 52.63
C GLN B 60 2.60 1.75 52.92
N GLN B 61 1.88 2.23 51.93
CA GLN B 61 0.46 2.55 52.07
C GLN B 61 -0.56 1.40 52.01
N LEU B 62 -0.25 0.34 51.31
CA LEU B 62 -1.20 -0.75 51.23
C LEU B 62 -1.23 -1.60 52.51
N GLY B 63 -2.35 -1.52 53.22
CA GLY B 63 -2.51 -2.29 54.44
C GLY B 63 -2.42 -3.78 54.15
N PRO B 64 -3.24 -4.31 53.23
CA PRO B 64 -3.18 -5.74 52.91
C PRO B 64 -1.80 -6.19 52.46
N ASP B 65 -1.30 -7.25 53.09
CA ASP B 65 0.02 -7.80 52.76
C ASP B 65 0.28 -7.87 51.27
N LEU B 66 1.48 -7.44 50.86
CA LEU B 66 1.82 -7.53 49.44
C LEU B 66 2.90 -8.57 49.24
N VAL B 67 2.90 -9.14 48.05
CA VAL B 67 3.85 -10.15 47.66
C VAL B 67 4.43 -9.73 46.35
N ASP B 68 5.70 -10.05 46.12
CA ASP B 68 6.35 -9.73 44.86
C ASP B 68 5.51 -10.47 43.81
N ALA B 69 5.02 -9.76 42.80
CA ALA B 69 4.20 -10.37 41.75
C ALA B 69 4.93 -11.47 41.00
N ALA B 70 6.25 -11.41 40.97
CA ALA B 70 7.03 -12.44 40.28
C ALA B 70 6.88 -13.78 40.97
N GLN B 71 6.35 -13.77 42.19
CA GLN B 71 6.19 -14.97 43.00
C GLN B 71 4.80 -15.14 43.58
N ALA B 72 3.86 -14.27 43.21
CA ALA B 72 2.52 -14.32 43.76
C ALA B 72 1.68 -15.51 43.32
N ARG B 73 0.75 -15.89 44.18
CA ARG B 73 -0.15 -17.00 43.91
C ARG B 73 -1.53 -16.36 43.79
N PRO B 74 -2.46 -17.02 43.10
CA PRO B 74 -3.81 -16.45 42.94
C PRO B 74 -4.37 -15.76 44.17
N SER B 75 -4.24 -16.39 45.34
CA SER B 75 -4.76 -15.84 46.59
C SER B 75 -3.96 -14.71 47.24
N ASP B 76 -2.77 -14.40 46.71
CA ASP B 76 -1.95 -13.32 47.27
C ASP B 76 -2.37 -11.95 46.75
N ASN B 77 -1.87 -10.89 47.39
CA ASN B 77 -2.13 -9.53 46.95
C ASN B 77 -0.81 -9.08 46.36
N CYS B 78 -0.83 -8.52 45.16
CA CYS B 78 0.41 -8.07 44.54
C CYS B 78 0.19 -6.89 43.59
N VAL B 79 1.26 -6.12 43.37
CA VAL B 79 1.18 -4.99 42.46
C VAL B 79 1.55 -5.57 41.10
N PHE B 80 0.58 -5.63 40.19
CA PHE B 80 0.83 -6.19 38.87
C PHE B 80 1.68 -5.28 37.99
N SER B 81 1.52 -3.97 38.11
CA SER B 81 2.28 -3.08 37.24
C SER B 81 2.09 -1.63 37.60
N VAL B 82 3.07 -0.82 37.24
CA VAL B 82 2.95 0.60 37.46
C VAL B 82 3.63 1.29 36.30
N GLU B 83 2.96 2.31 35.77
CA GLU B 83 3.49 3.08 34.65
C GLU B 83 2.82 4.42 34.67
N LEU B 84 3.28 5.27 33.77
CA LEU B 84 2.75 6.61 33.64
C LEU B 84 1.24 6.65 33.47
N GLN B 85 0.61 7.62 34.11
CA GLN B 85 -0.81 7.84 33.93
C GLN B 85 -0.76 9.06 33.02
N LEU B 86 -1.30 8.97 31.80
CA LEU B 86 -1.28 10.14 30.91
C LEU B 86 -2.08 11.26 31.58
N PRO B 87 -1.62 12.51 31.48
CA PRO B 87 -2.32 13.65 32.09
C PRO B 87 -3.57 14.11 31.32
N PRO B 88 -4.42 14.94 31.95
CA PRO B 88 -5.61 15.42 31.24
C PRO B 88 -5.08 16.30 30.12
N LYS B 89 -5.72 16.25 28.96
CA LYS B 89 -5.31 17.04 27.78
C LYS B 89 -5.35 18.57 28.00
N ALA B 90 -6.44 19.08 28.59
CA ALA B 90 -6.55 20.51 28.83
C ALA B 90 -5.38 21.04 29.69
N ALA B 91 -5.08 20.35 30.78
CA ALA B 91 -3.99 20.78 31.65
C ALA B 91 -2.66 20.67 30.92
N ALA B 92 -2.50 19.61 30.13
CA ALA B 92 -1.25 19.44 29.41
C ALA B 92 -1.08 20.55 28.37
N LEU B 93 -2.17 20.96 27.71
CA LEU B 93 -2.08 22.02 26.70
C LEU B 93 -1.86 23.39 27.36
N ALA B 94 -2.50 23.59 28.50
CA ALA B 94 -2.35 24.84 29.23
C ALA B 94 -0.87 24.99 29.53
N HIS B 95 -0.22 23.88 29.88
CA HIS B 95 1.21 23.89 30.17
C HIS B 95 2.08 24.09 28.92
N LEU B 96 1.86 23.23 27.92
CA LEU B 96 2.61 23.30 26.67
C LEU B 96 2.42 24.60 25.87
N ASP B 97 1.19 25.10 25.82
CA ASP B 97 0.86 26.29 25.05
C ASP B 97 0.78 27.63 25.77
N ARG B 98 0.34 27.62 27.02
CA ARG B 98 0.17 28.87 27.77
C ARG B 98 1.11 29.01 28.95
N GLY B 99 2.04 28.07 29.08
CA GLY B 99 2.99 28.10 30.18
C GLY B 99 2.40 27.99 31.57
N SER B 100 1.26 27.32 31.69
CA SER B 100 0.66 27.14 33.01
C SER B 100 1.57 26.11 33.64
N PRO B 101 1.49 25.94 34.97
CA PRO B 101 2.39 24.94 35.55
C PRO B 101 1.99 23.54 35.06
N PRO B 102 2.95 22.58 35.05
CA PRO B 102 2.63 21.24 34.59
C PRO B 102 1.58 20.51 35.44
N PRO B 103 0.85 19.58 34.82
CA PRO B 103 -0.18 18.82 35.54
C PRO B 103 0.53 17.89 36.51
N ALA B 104 -0.12 17.55 37.61
CA ALA B 104 0.49 16.61 38.54
C ALA B 104 0.91 15.38 37.75
N ARG B 105 2.18 14.99 37.88
CA ARG B 105 2.71 13.82 37.19
C ARG B 105 2.28 12.63 38.03
N GLU B 106 1.50 11.73 37.43
CA GLU B 106 0.99 10.56 38.14
C GLU B 106 1.28 9.21 37.49
N ALA B 107 1.14 8.15 38.29
CA ALA B 107 1.33 6.79 37.83
C ALA B 107 0.03 6.03 38.04
N LEU B 108 -0.19 5.01 37.23
CA LEU B 108 -1.37 4.19 37.40
C LEU B 108 -0.85 2.84 37.84
N ALA B 109 -1.37 2.32 38.95
CA ALA B 109 -0.96 1.00 39.44
C ALA B 109 -2.14 0.03 39.40
N ILE B 110 -1.88 -1.15 38.88
CA ILE B 110 -2.90 -2.20 38.81
C ILE B 110 -2.53 -3.18 39.89
N VAL B 111 -3.42 -3.35 40.86
CA VAL B 111 -3.20 -4.24 41.99
C VAL B 111 -4.15 -5.41 41.96
N PHE B 112 -3.60 -6.60 42.14
CA PHE B 112 -4.43 -7.80 42.17
C PHE B 112 -4.77 -8.06 43.62
N PHE B 113 -6.01 -7.79 44.04
CA PHE B 113 -6.37 -8.07 45.42
C PHE B 113 -7.01 -9.48 45.55
N GLY B 114 -6.16 -10.52 45.58
CA GLY B 114 -6.65 -11.88 45.69
C GLY B 114 -6.84 -12.42 47.11
N GLY B 115 -6.19 -11.81 48.09
CA GLY B 115 -6.34 -12.30 49.45
C GLY B 115 -7.55 -11.73 50.17
N GLN B 116 -8.76 -12.01 49.70
CA GLN B 116 -9.93 -11.44 50.36
C GLN B 116 -11.20 -12.17 49.90
N PRO B 117 -12.30 -12.06 50.68
CA PRO B 117 -13.59 -12.69 50.40
C PRO B 117 -14.08 -12.57 48.97
N GLN B 118 -13.86 -11.40 48.38
CA GLN B 118 -14.28 -11.13 47.00
C GLN B 118 -13.09 -10.47 46.29
N PRO B 119 -12.15 -11.29 45.81
CA PRO B 119 -11.01 -10.70 45.12
C PRO B 119 -11.39 -9.79 43.97
N ASN B 120 -10.58 -8.77 43.73
CA ASN B 120 -10.82 -7.88 42.63
C ASN B 120 -9.47 -7.35 42.15
N VAL B 121 -9.52 -6.60 41.07
CA VAL B 121 -8.34 -5.98 40.54
C VAL B 121 -8.70 -4.51 40.67
N THR B 122 -7.73 -3.71 41.11
CA THR B 122 -7.93 -2.29 41.33
C THR B 122 -6.87 -1.43 40.67
N GLU B 123 -7.32 -0.34 40.06
CA GLU B 123 -6.42 0.63 39.46
C GLU B 123 -6.27 1.80 40.42
N LEU B 124 -5.03 2.13 40.75
CA LEU B 124 -4.77 3.24 41.67
C LEU B 124 -3.93 4.28 40.99
N VAL B 125 -4.38 5.54 41.04
CA VAL B 125 -3.63 6.64 40.49
C VAL B 125 -2.77 7.04 41.69
N VAL B 126 -1.45 7.18 41.56
CA VAL B 126 -0.62 7.60 42.73
C VAL B 126 0.11 8.86 42.27
N GLY B 127 0.20 9.86 43.11
CA GLY B 127 0.90 11.02 42.65
C GLY B 127 0.96 12.05 43.74
N PRO B 128 1.61 13.19 43.49
CA PRO B 128 2.34 13.81 42.39
C PRO B 128 3.76 13.37 42.53
N LEU B 129 4.37 12.98 41.42
CA LEU B 129 5.76 12.56 41.45
C LEU B 129 6.49 13.88 41.54
N PRO B 130 7.71 13.94 42.09
CA PRO B 130 8.68 13.02 42.66
C PRO B 130 8.29 12.29 43.98
N GLN B 131 7.54 12.94 44.85
CA GLN B 131 7.16 12.29 46.10
C GLN B 131 5.66 12.22 46.31
N PRO B 132 5.06 11.09 45.96
CA PRO B 132 3.62 10.86 46.08
C PRO B 132 3.08 11.12 47.49
N SER B 133 1.81 11.51 47.56
CA SER B 133 1.14 11.77 48.83
C SER B 133 -0.28 11.24 48.78
N TYR B 134 -0.76 10.84 47.61
CA TYR B 134 -2.10 10.27 47.54
C TYR B 134 -2.17 9.00 46.71
N MET B 135 -3.21 8.22 46.97
CA MET B 135 -3.42 6.95 46.31
C MET B 135 -4.91 6.88 46.02
N ARG B 136 -5.32 7.11 44.77
CA ARG B 136 -6.74 7.09 44.43
C ARG B 136 -7.26 5.86 43.67
N ASP B 137 -8.21 5.16 44.26
CA ASP B 137 -8.82 4.01 43.62
C ASP B 137 -9.82 4.57 42.62
N VAL B 138 -9.50 4.42 41.34
CA VAL B 138 -10.35 4.93 40.26
C VAL B 138 -11.05 3.84 39.45
N THR B 139 -10.93 2.59 39.89
CA THR B 139 -11.54 1.46 39.20
C THR B 139 -13.02 1.65 38.89
N VAL B 140 -13.79 1.93 39.93
CA VAL B 140 -15.25 2.06 39.77
C VAL B 140 -15.62 3.26 38.90
N GLU B 141 -14.93 4.39 39.03
CA GLU B 141 -15.33 5.52 38.22
C GLU B 141 -14.96 5.38 36.75
N ARG B 142 -14.10 4.41 36.41
CA ARG B 142 -13.72 4.21 35.02
C ARG B 142 -14.43 3.03 34.36
N HIS B 143 -14.97 2.11 35.16
CA HIS B 143 -15.64 0.94 34.58
C HIS B 143 -17.08 0.68 35.08
N GLY B 144 -17.60 1.53 35.96
CA GLY B 144 -18.95 1.34 36.45
C GLY B 144 -19.11 0.36 37.58
N GLY B 145 -18.00 -0.26 37.98
CA GLY B 145 -18.07 -1.23 39.06
C GLY B 145 -16.75 -1.94 39.22
N PRO B 146 -16.68 -2.95 40.10
CA PRO B 146 -15.44 -3.68 40.31
C PRO B 146 -15.00 -4.47 39.08
N LEU B 147 -13.69 -4.71 38.98
CA LEU B 147 -13.12 -5.52 37.92
C LEU B 147 -13.04 -6.95 38.46
N PRO B 148 -13.83 -7.91 37.92
CA PRO B 148 -13.77 -9.29 38.42
C PRO B 148 -12.37 -9.88 38.34
N TYR B 149 -12.03 -10.71 39.33
CA TYR B 149 -10.70 -11.31 39.41
C TYR B 149 -10.26 -12.17 38.21
N TYR B 150 -11.20 -12.90 37.61
CA TYR B 150 -10.85 -13.76 36.48
C TYR B 150 -10.47 -12.94 35.23
N ARG B 151 -10.48 -11.62 35.34
CA ARG B 151 -10.13 -10.81 34.17
C ARG B 151 -8.65 -10.50 34.19
N ARG B 152 -8.04 -10.60 35.36
CA ARG B 152 -6.63 -10.26 35.49
C ARG B 152 -5.80 -11.12 34.55
N PRO B 153 -4.73 -10.56 34.01
CA PRO B 153 -3.99 -11.43 33.12
C PRO B 153 -3.24 -12.55 33.87
N VAL B 154 -3.02 -13.67 33.19
CA VAL B 154 -2.31 -14.77 33.82
C VAL B 154 -0.88 -14.32 34.11
N LEU B 155 -0.48 -14.51 35.36
CA LEU B 155 0.86 -14.14 35.87
C LEU B 155 1.89 -15.16 35.40
N LEU B 156 3.15 -14.72 35.29
CA LEU B 156 4.25 -15.61 34.91
C LEU B 156 4.37 -16.75 35.93
N ARG B 157 4.22 -16.44 37.21
CA ARG B 157 4.28 -17.48 38.22
C ARG B 157 3.10 -18.43 38.02
N GLU B 158 2.02 -17.89 37.46
CA GLU B 158 0.85 -18.72 37.21
C GLU B 158 1.19 -19.70 36.10
N TYR B 159 1.86 -19.21 35.06
CA TYR B 159 2.29 -20.05 33.95
C TYR B 159 3.28 -21.11 34.45
N LEU B 160 4.26 -20.71 35.25
CA LEU B 160 5.23 -21.63 35.79
C LEU B 160 4.57 -22.73 36.62
N ASP B 161 3.54 -22.38 37.40
CA ASP B 161 2.82 -23.37 38.20
C ASP B 161 1.96 -24.27 37.29
N ILE B 162 1.36 -23.70 36.24
CA ILE B 162 0.56 -24.55 35.33
C ILE B 162 1.52 -25.60 34.71
N ASP B 163 2.73 -25.18 34.38
CA ASP B 163 3.74 -26.06 33.80
C ASP B 163 4.20 -27.15 34.79
N GLN B 164 4.42 -26.78 36.05
CA GLN B 164 4.85 -27.77 37.03
C GLN B 164 3.76 -28.86 37.10
N MET B 165 2.51 -28.42 37.11
CA MET B 165 1.36 -29.33 37.15
C MET B 165 1.34 -30.25 35.93
N ILE B 166 1.56 -29.69 34.75
CA ILE B 166 1.57 -30.48 33.51
C ILE B 166 2.74 -31.50 33.41
N PHE B 167 3.92 -31.06 33.80
CA PHE B 167 5.07 -31.93 33.69
C PHE B 167 5.29 -32.88 34.84
N ASN B 168 4.76 -32.53 36.01
CA ASN B 168 4.95 -33.37 37.18
C ASN B 168 3.75 -34.24 37.52
N ARG B 169 2.54 -33.74 37.31
CA ARG B 169 1.34 -34.53 37.61
C ARG B 169 0.51 -35.03 36.44
N GLU B 170 0.53 -34.33 35.30
CA GLU B 170 -0.29 -34.73 34.16
C GLU B 170 0.33 -35.65 33.10
N LEU B 171 1.31 -35.16 32.33
CA LEU B 171 1.95 -35.96 31.29
C LEU B 171 2.47 -37.38 31.69
N PRO B 172 3.02 -37.54 32.91
CA PRO B 172 3.49 -38.88 33.24
C PRO B 172 2.37 -39.92 33.19
N GLN B 173 1.13 -39.51 33.43
CA GLN B 173 0.04 -40.48 33.36
C GLN B 173 -0.13 -41.04 31.95
N ALA B 174 0.49 -40.37 30.97
CA ALA B 174 0.40 -40.81 29.59
C ALA B 174 1.80 -41.06 29.04
N ALA B 175 2.66 -41.60 29.89
CA ALA B 175 4.05 -41.87 29.51
C ALA B 175 4.15 -42.85 28.34
N GLY B 176 3.29 -43.85 28.35
CA GLY B 176 3.27 -44.87 27.31
C GLY B 176 2.98 -44.34 25.92
N VAL B 177 1.90 -43.58 25.81
CA VAL B 177 1.49 -42.99 24.54
C VAL B 177 2.52 -41.94 24.12
N LEU B 178 3.10 -41.27 25.11
CA LEU B 178 4.09 -40.21 24.89
C LEU B 178 5.47 -40.79 24.50
N HIS B 179 5.76 -42.02 24.91
CA HIS B 179 7.02 -42.61 24.49
C HIS B 179 6.81 -42.99 23.01
N HIS B 180 5.62 -43.50 22.71
CA HIS B 180 5.33 -43.92 21.34
C HIS B 180 5.38 -42.80 20.30
N CYS B 181 4.79 -41.65 20.60
CA CYS B 181 4.81 -40.54 19.64
C CYS B 181 6.01 -39.65 19.70
N CYS B 182 6.62 -39.59 20.87
CA CYS B 182 7.65 -38.62 21.05
C CYS B 182 8.93 -38.94 21.82
N SER B 183 9.20 -40.22 22.09
CA SER B 183 10.40 -40.60 22.84
C SER B 183 10.44 -39.85 24.15
N TYR B 184 9.28 -39.67 24.76
CA TYR B 184 9.16 -38.96 26.03
C TYR B 184 10.07 -39.59 27.06
N LYS B 185 11.00 -38.79 27.60
CA LYS B 185 11.97 -39.22 28.61
C LYS B 185 12.83 -40.42 28.21
N GLN B 186 13.08 -40.54 26.90
CA GLN B 186 13.87 -41.63 26.35
C GLN B 186 14.81 -41.09 25.29
N GLY B 187 15.32 -39.89 25.51
CA GLY B 187 16.22 -39.30 24.53
C GLY B 187 15.58 -38.30 23.57
N GLY B 188 14.25 -38.31 23.51
CA GLY B 188 13.54 -37.39 22.63
C GLY B 188 13.71 -35.95 23.08
N GLN B 189 13.41 -35.01 22.20
CA GLN B 189 13.54 -33.59 22.51
C GLN B 189 12.66 -33.26 23.71
N LYS B 190 13.03 -32.20 24.43
CA LYS B 190 12.26 -31.75 25.58
C LYS B 190 10.94 -31.20 25.03
N LEU B 191 9.91 -31.19 25.87
CA LEU B 191 8.61 -30.68 25.46
C LEU B 191 8.40 -29.37 26.17
N LEU B 192 7.55 -28.52 25.61
CA LEU B 192 7.24 -27.26 26.25
C LEU B 192 5.80 -26.93 25.88
N THR B 193 5.21 -26.01 26.63
CA THR B 193 3.82 -25.65 26.41
C THR B 193 3.60 -24.35 25.66
N MET B 194 2.41 -24.21 25.10
CA MET B 194 2.02 -23.02 24.35
C MET B 194 0.64 -22.54 24.82
N ASN B 195 0.60 -21.28 25.23
CA ASN B 195 -0.61 -20.63 25.70
C ASN B 195 -1.59 -20.42 24.54
N SER B 196 -2.83 -20.10 24.87
CA SER B 196 -3.87 -19.81 23.89
C SER B 196 -4.88 -18.95 24.67
N ALA B 197 -5.77 -18.24 23.99
CA ALA B 197 -6.74 -17.38 24.67
C ALA B 197 -7.79 -16.93 23.66
N PRO B 198 -8.98 -16.52 24.13
CA PRO B 198 -9.43 -16.46 25.52
C PRO B 198 -9.35 -17.83 26.20
N ARG B 199 -9.85 -17.93 27.42
CA ARG B 199 -9.76 -19.14 28.23
C ARG B 199 -11.11 -19.66 28.78
N GLY B 200 -11.90 -20.26 27.91
CA GLY B 200 -13.18 -20.78 28.36
C GLY B 200 -14.18 -20.54 27.26
N VAL B 201 -15.46 -20.39 27.63
CA VAL B 201 -16.52 -20.14 26.66
C VAL B 201 -17.51 -19.08 27.13
N GLN B 202 -17.26 -18.52 28.33
CA GLN B 202 -18.14 -17.48 28.89
C GLN B 202 -17.45 -16.74 30.04
N SER B 203 -18.02 -15.61 30.45
CA SER B 203 -17.45 -14.81 31.55
C SER B 203 -17.32 -15.61 32.85
N GLY B 204 -16.12 -15.55 33.43
CA GLY B 204 -15.86 -16.24 34.68
C GLY B 204 -14.88 -17.37 34.46
N ASP B 205 -14.78 -17.86 33.23
CA ASP B 205 -13.88 -18.96 32.95
C ASP B 205 -12.40 -18.60 32.92
N ARG B 206 -11.59 -19.58 33.31
CA ARG B 206 -10.13 -19.46 33.28
C ARG B 206 -9.62 -20.87 33.03
N SER B 207 -10.05 -21.40 31.88
CA SER B 207 -9.69 -22.73 31.41
C SER B 207 -9.00 -22.53 30.07
N THR B 208 -7.72 -22.88 30.01
CA THR B 208 -6.91 -22.66 28.82
C THR B 208 -6.40 -23.91 28.10
N TRP B 209 -6.57 -23.99 26.79
CA TRP B 209 -5.97 -25.12 26.08
C TRP B 209 -4.49 -24.81 25.86
N PHE B 210 -3.62 -25.59 26.50
CA PHE B 210 -2.16 -25.47 26.38
C PHE B 210 -1.74 -26.56 25.41
N GLY B 211 -0.95 -26.22 24.39
CA GLY B 211 -0.49 -27.20 23.41
C GLY B 211 0.90 -27.69 23.77
N ILE B 212 1.23 -28.91 23.36
CA ILE B 212 2.53 -29.51 23.66
C ILE B 212 3.40 -29.52 22.40
N TYR B 213 4.60 -28.94 22.46
CA TYR B 213 5.51 -28.89 21.31
C TYR B 213 6.93 -29.29 21.68
N TYR B 214 7.67 -29.76 20.68
CA TYR B 214 9.06 -30.12 20.86
C TYR B 214 9.83 -28.83 21.07
N ASN B 215 10.69 -28.83 22.08
CA ASN B 215 11.51 -27.67 22.35
C ASN B 215 12.67 -27.70 21.38
N ILE B 216 12.41 -27.59 20.08
CA ILE B 216 13.53 -27.59 19.15
C ILE B 216 14.17 -26.20 19.21
N THR B 217 15.39 -26.24 19.71
CA THR B 217 16.29 -25.11 19.93
C THR B 217 16.45 -24.23 18.69
N LYS B 218 15.64 -24.52 17.67
CA LYS B 218 15.71 -23.78 16.42
C LYS B 218 14.58 -22.75 16.25
N GLY B 219 14.37 -22.33 15.01
CA GLY B 219 13.36 -21.34 14.68
C GLY B 219 11.88 -21.64 14.92
N GLY B 220 11.47 -21.62 16.18
CA GLY B 220 10.07 -21.86 16.51
C GLY B 220 9.70 -23.20 17.11
N PRO B 221 9.67 -23.31 18.44
CA PRO B 221 9.29 -24.60 19.01
C PRO B 221 7.84 -24.89 18.62
N TYR B 222 7.08 -23.83 18.37
CA TYR B 222 5.68 -23.99 18.01
C TYR B 222 5.45 -24.45 16.56
N LEU B 223 6.54 -24.74 15.87
CA LEU B 223 6.49 -25.24 14.50
C LEU B 223 6.55 -26.77 14.55
N HIS B 224 6.58 -27.33 15.76
CA HIS B 224 6.65 -28.77 15.95
C HIS B 224 5.61 -29.30 16.94
N PRO B 225 4.32 -29.29 16.55
CA PRO B 225 3.29 -29.78 17.45
C PRO B 225 3.31 -31.30 17.55
N VAL B 226 2.92 -31.79 18.72
CA VAL B 226 2.86 -33.21 19.06
C VAL B 226 1.43 -33.72 18.84
N GLY B 227 0.48 -32.81 18.78
CA GLY B 227 -0.91 -33.21 18.59
C GLY B 227 -1.62 -33.38 19.93
N LEU B 228 -0.90 -33.04 21.00
CA LEU B 228 -1.43 -33.14 22.34
C LEU B 228 -1.74 -31.76 22.93
N GLU B 229 -3.00 -31.55 23.36
CA GLU B 229 -3.44 -30.30 23.97
C GLU B 229 -4.22 -30.59 25.26
N LEU B 230 -4.04 -29.75 26.27
CA LEU B 230 -4.73 -29.93 27.54
C LEU B 230 -5.58 -28.71 27.97
N LEU B 231 -6.81 -28.95 28.39
CA LEU B 231 -7.64 -27.84 28.84
C LEU B 231 -7.42 -27.78 30.31
N VAL B 232 -6.58 -26.87 30.80
CA VAL B 232 -6.45 -26.85 32.25
C VAL B 232 -7.35 -25.76 32.84
N ASP B 233 -8.04 -26.11 33.92
CA ASP B 233 -8.89 -25.17 34.61
C ASP B 233 -8.03 -24.59 35.73
N HIS B 234 -7.64 -23.33 35.61
CA HIS B 234 -6.83 -22.71 36.65
C HIS B 234 -7.50 -21.48 37.23
N LYS B 235 -8.81 -21.55 37.35
CA LYS B 235 -9.57 -20.47 37.92
C LYS B 235 -9.46 -20.43 39.44
N ALA B 236 -9.24 -21.58 40.06
CA ALA B 236 -9.19 -21.65 41.52
C ALA B 236 -8.01 -20.90 42.11
N LEU B 237 -8.22 -20.25 43.26
CA LEU B 237 -7.15 -19.50 43.91
C LEU B 237 -6.05 -20.39 44.48
N ASP B 238 -6.37 -21.65 44.76
CA ASP B 238 -5.34 -22.58 45.27
C ASP B 238 -4.99 -23.52 44.14
N PRO B 239 -3.80 -23.36 43.53
CA PRO B 239 -3.36 -24.22 42.43
C PRO B 239 -3.59 -25.70 42.70
N ALA B 240 -3.62 -26.08 43.97
CA ALA B 240 -3.83 -27.48 44.32
C ALA B 240 -5.20 -27.99 43.84
N ASP B 241 -6.11 -27.07 43.54
CA ASP B 241 -7.43 -27.46 43.05
C ASP B 241 -7.60 -27.36 41.53
N TRP B 242 -6.51 -27.05 40.82
CA TRP B 242 -6.55 -26.97 39.37
C TRP B 242 -6.65 -28.37 38.77
N THR B 243 -7.28 -28.48 37.62
CA THR B 243 -7.45 -29.76 36.96
C THR B 243 -7.44 -29.60 35.45
N VAL B 244 -7.21 -30.71 34.76
CA VAL B 244 -7.26 -30.72 33.30
C VAL B 244 -8.70 -31.21 33.06
N GLN B 245 -9.50 -30.39 32.40
CA GLN B 245 -10.90 -30.72 32.15
C GLN B 245 -11.18 -31.54 30.91
N LYS B 246 -10.19 -31.66 30.04
CA LYS B 246 -10.38 -32.38 28.80
C LYS B 246 -9.06 -32.45 28.09
N VAL B 247 -8.87 -33.48 27.26
CA VAL B 247 -7.65 -33.56 26.51
C VAL B 247 -7.92 -33.91 25.04
N PHE B 248 -7.10 -33.34 24.18
CA PHE B 248 -7.18 -33.55 22.74
C PHE B 248 -5.88 -34.21 22.32
N PHE B 249 -5.98 -35.34 21.66
CA PHE B 249 -4.77 -36.00 21.20
C PHE B 249 -4.94 -36.43 19.76
N GLN B 250 -4.11 -35.87 18.88
CA GLN B 250 -4.08 -36.22 17.46
C GLN B 250 -5.44 -36.49 16.79
N GLY B 251 -6.39 -35.60 17.01
CA GLY B 251 -7.67 -35.74 16.35
C GLY B 251 -8.84 -36.22 17.19
N ARG B 252 -8.56 -36.84 18.32
CA ARG B 252 -9.61 -37.37 19.17
C ARG B 252 -9.64 -36.65 20.53
N TYR B 253 -10.82 -36.59 21.14
CA TYR B 253 -10.97 -35.96 22.46
C TYR B 253 -11.04 -37.00 23.57
N TYR B 254 -10.55 -36.68 24.74
CA TYR B 254 -10.62 -37.59 25.87
C TYR B 254 -10.97 -36.84 27.14
N GLU B 255 -11.39 -37.58 28.16
CA GLU B 255 -11.79 -36.98 29.42
C GLU B 255 -10.60 -36.47 30.21
N ASN B 256 -9.53 -37.25 30.19
CA ASN B 256 -8.32 -36.92 30.91
C ASN B 256 -7.23 -37.80 30.35
N LEU B 257 -6.01 -37.58 30.82
CA LEU B 257 -4.84 -38.33 30.38
C LEU B 257 -4.82 -39.80 30.78
N ALA B 258 -5.50 -40.13 31.88
CA ALA B 258 -5.55 -41.52 32.32
C ALA B 258 -6.39 -42.34 31.33
N GLN B 259 -7.41 -41.72 30.77
CA GLN B 259 -8.26 -42.39 29.79
C GLN B 259 -7.51 -42.56 28.47
N LEU B 260 -6.72 -41.56 28.09
CA LEU B 260 -5.94 -41.65 26.87
C LEU B 260 -4.98 -42.82 27.02
N GLU B 261 -4.26 -42.83 28.13
CA GLU B 261 -3.27 -43.86 28.39
C GLU B 261 -3.84 -45.27 28.45
N GLU B 262 -4.90 -45.46 29.22
CA GLU B 262 -5.48 -46.79 29.32
C GLU B 262 -6.14 -47.28 28.04
N GLN B 263 -6.73 -46.38 27.25
CA GLN B 263 -7.31 -46.81 25.98
C GLN B 263 -6.16 -47.17 25.03
N PHE B 264 -5.01 -46.52 25.17
CA PHE B 264 -3.85 -46.80 24.34
C PHE B 264 -3.30 -48.17 24.72
N GLU B 265 -3.39 -48.49 26.00
CA GLU B 265 -2.93 -49.78 26.53
C GLU B 265 -3.79 -50.85 25.87
N ALA B 266 -5.11 -50.60 25.83
CA ALA B 266 -6.05 -51.55 25.24
C ALA B 266 -5.95 -51.61 23.71
N GLY B 267 -4.85 -51.08 23.16
CA GLY B 267 -4.67 -51.10 21.72
C GLY B 267 -5.79 -50.43 20.94
N GLN B 268 -6.36 -49.37 21.52
CA GLN B 268 -7.45 -48.64 20.88
C GLN B 268 -7.11 -47.26 20.32
N VAL B 269 -5.89 -46.80 20.54
CA VAL B 269 -5.50 -45.48 20.05
C VAL B 269 -4.32 -45.56 19.10
N ASN B 270 -4.53 -45.16 17.85
CA ASN B 270 -3.47 -45.16 16.86
C ASN B 270 -2.67 -43.89 17.13
N VAL B 271 -1.38 -44.06 17.38
CA VAL B 271 -0.48 -42.95 17.67
C VAL B 271 0.48 -42.68 16.52
N VAL B 272 0.45 -41.46 15.98
CA VAL B 272 1.35 -41.06 14.91
C VAL B 272 2.67 -40.65 15.58
N VAL B 273 3.80 -41.17 15.12
CA VAL B 273 5.06 -40.74 15.74
C VAL B 273 5.44 -39.42 15.08
N ILE B 274 5.84 -38.44 15.87
CA ILE B 274 6.24 -37.14 15.33
C ILE B 274 7.76 -37.02 15.39
N PRO B 275 8.43 -37.02 14.21
CA PRO B 275 9.88 -36.92 14.05
C PRO B 275 10.51 -35.65 14.60
N ASP B 276 11.82 -35.51 14.39
CA ASP B 276 12.62 -34.38 14.85
C ASP B 276 12.78 -34.45 16.36
N ARG B 305 21.46 15.67 11.84
CA ARG B 305 20.24 16.16 11.22
C ARG B 305 19.05 16.04 12.19
N PHE B 306 19.31 15.50 13.38
CA PHE B 306 18.30 15.38 14.42
C PHE B 306 18.94 15.05 15.74
N SER B 307 18.17 15.18 16.81
CA SER B 307 18.68 14.90 18.14
C SER B 307 17.58 14.32 19.01
N VAL B 308 17.98 13.58 20.04
CA VAL B 308 17.02 12.99 20.95
C VAL B 308 17.47 13.25 22.40
N GLN B 309 16.65 13.95 23.16
CA GLN B 309 16.97 14.26 24.55
C GLN B 309 15.75 13.92 25.38
N GLY B 310 15.94 13.12 26.43
CA GLY B 310 14.81 12.72 27.26
C GLY B 310 13.83 11.98 26.38
N ASN B 311 12.57 12.40 26.39
CA ASN B 311 11.53 11.77 25.57
C ASN B 311 11.16 12.60 24.34
N ARG B 312 11.99 13.57 23.97
CA ARG B 312 11.69 14.38 22.80
C ARG B 312 12.68 14.18 21.67
N VAL B 313 12.16 14.09 20.45
CA VAL B 313 13.00 13.95 19.28
C VAL B 313 12.85 15.30 18.60
N ALA B 314 13.96 15.82 18.10
CA ALA B 314 13.96 17.11 17.43
C ALA B 314 14.75 17.01 16.15
N SER B 315 14.18 17.57 15.09
CA SER B 315 14.86 17.58 13.80
C SER B 315 14.59 18.95 13.22
N SER B 316 15.30 19.29 12.16
CA SER B 316 15.08 20.59 11.53
C SER B 316 13.60 20.79 11.27
N LEU B 317 12.90 19.75 10.82
CA LEU B 317 11.47 19.86 10.50
C LEU B 317 10.47 19.33 11.53
N TRP B 318 10.86 18.30 12.29
CA TRP B 318 9.94 17.72 13.25
C TRP B 318 10.30 17.75 14.70
N THR B 319 9.26 17.58 15.49
CA THR B 319 9.40 17.56 16.91
C THR B 319 8.24 16.79 17.51
N PHE B 320 8.55 15.86 18.38
CA PHE B 320 7.53 15.07 19.07
C PHE B 320 8.10 14.37 20.32
N SER B 321 7.18 13.92 21.18
CA SER B 321 7.51 13.21 22.40
C SER B 321 7.12 11.73 22.18
N PHE B 322 8.01 10.82 22.54
CA PHE B 322 7.78 9.38 22.32
C PHE B 322 7.73 8.56 23.60
N GLY B 323 7.14 7.38 23.50
CA GLY B 323 7.05 6.53 24.67
C GLY B 323 6.50 5.17 24.32
N LEU B 324 6.34 4.34 25.35
CA LEU B 324 5.85 3.00 25.16
C LEU B 324 4.83 2.68 26.25
N GLY B 325 3.61 2.33 25.86
CA GLY B 325 2.64 1.94 26.86
C GLY B 325 2.93 0.48 27.22
N ALA B 326 2.96 0.16 28.52
CA ALA B 326 3.25 -1.21 28.95
C ALA B 326 2.34 -2.22 28.27
N PHE B 327 1.09 -1.83 28.05
CA PHE B 327 0.14 -2.72 27.41
C PHE B 327 -0.22 -2.25 26.01
N SER B 328 -0.35 -0.93 25.86
CA SER B 328 -0.69 -0.24 24.59
C SER B 328 0.36 -0.25 23.49
N GLY B 329 1.63 -0.23 23.84
CA GLY B 329 2.66 -0.20 22.80
C GLY B 329 3.19 1.19 22.46
N PRO B 330 3.89 1.33 21.33
CA PRO B 330 4.46 2.60 20.90
C PRO B 330 3.45 3.73 20.91
N ARG B 331 3.90 4.92 21.27
CA ARG B 331 3.02 6.07 21.25
C ARG B 331 3.87 7.31 21.01
N VAL B 332 3.23 8.36 20.51
CA VAL B 332 3.90 9.62 20.24
C VAL B 332 2.92 10.74 20.67
N PHE B 333 3.43 11.85 21.20
CA PHE B 333 2.56 12.94 21.63
C PHE B 333 3.13 14.28 21.19
N ASP B 334 2.27 15.28 21.08
CA ASP B 334 2.70 16.62 20.76
C ASP B 334 3.50 16.68 19.46
N VAL B 335 2.98 16.10 18.38
CA VAL B 335 3.73 16.11 17.14
C VAL B 335 3.65 17.49 16.48
N ARG B 336 4.80 18.10 16.21
CA ARG B 336 4.78 19.41 15.58
C ARG B 336 5.59 19.48 14.30
N PHE B 337 5.03 20.16 13.31
CA PHE B 337 5.72 20.35 12.05
C PHE B 337 6.06 21.85 11.97
N GLN B 338 7.33 22.19 11.80
CA GLN B 338 7.72 23.60 11.73
C GLN B 338 7.08 24.43 12.84
N GLY B 339 7.10 23.90 14.06
CA GLY B 339 6.55 24.60 15.20
C GLY B 339 5.06 24.43 15.41
N GLU B 340 4.33 23.98 14.37
CA GLU B 340 2.88 23.82 14.53
C GLU B 340 2.45 22.40 14.85
N ARG B 341 1.68 22.24 15.93
CA ARG B 341 1.19 20.91 16.31
C ARG B 341 0.10 20.39 15.34
N LEU B 342 0.29 19.16 14.83
CA LEU B 342 -0.66 18.49 13.92
C LEU B 342 -1.46 17.46 14.73
N ALA B 343 -0.85 16.92 15.79
CA ALA B 343 -1.54 15.94 16.58
C ALA B 343 -1.08 15.93 18.03
N TYR B 344 -2.05 15.82 18.93
CA TYR B 344 -1.74 15.75 20.34
C TYR B 344 -1.14 14.38 20.67
N GLU B 345 -1.69 13.34 20.04
CA GLU B 345 -1.28 11.96 20.26
C GLU B 345 -1.57 11.04 19.08
N ILE B 346 -0.64 10.13 18.82
CA ILE B 346 -0.77 9.11 17.79
C ILE B 346 -0.21 7.91 18.52
N SER B 347 -1.03 6.89 18.72
CA SER B 347 -0.54 5.71 19.46
C SER B 347 -1.21 4.39 19.14
N LEU B 348 -0.47 3.31 19.40
CA LEU B 348 -1.02 1.97 19.20
C LEU B 348 -2.03 1.75 20.29
N GLN B 349 -3.15 1.12 19.96
CA GLN B 349 -4.20 0.84 20.94
C GLN B 349 -4.35 -0.67 21.17
N GLU B 350 -4.32 -1.44 20.07
CA GLU B 350 -4.49 -2.88 20.17
C GLU B 350 -3.93 -3.58 18.94
N ALA B 351 -3.65 -4.87 19.10
CA ALA B 351 -3.16 -5.69 18.01
C ALA B 351 -3.86 -7.01 18.28
N GLY B 352 -4.31 -7.66 17.22
CA GLY B 352 -5.02 -8.91 17.41
C GLY B 352 -4.85 -9.87 16.27
N ALA B 353 -5.21 -11.13 16.53
CA ALA B 353 -5.13 -12.21 15.58
C ALA B 353 -6.30 -13.18 15.82
N VAL B 354 -7.05 -13.50 14.78
CA VAL B 354 -8.17 -14.43 14.89
C VAL B 354 -7.77 -15.68 14.12
N TYR B 355 -7.79 -16.82 14.81
CA TYR B 355 -7.40 -18.10 14.23
C TYR B 355 -8.52 -19.05 13.83
N GLY B 356 -8.15 -20.02 12.98
CA GLY B 356 -9.06 -21.05 12.51
C GLY B 356 -8.34 -22.39 12.58
N GLY B 357 -9.08 -23.49 12.63
CA GLY B 357 -8.42 -24.78 12.70
C GLY B 357 -9.38 -25.87 13.12
N ASN B 358 -8.87 -27.07 13.30
CA ASN B 358 -9.72 -28.18 13.74
C ASN B 358 -9.13 -28.79 14.99
N THR B 359 -8.19 -28.06 15.60
CA THR B 359 -7.61 -28.47 16.87
C THR B 359 -8.00 -27.37 17.84
N PRO B 360 -8.26 -27.70 19.13
CA PRO B 360 -8.67 -26.71 20.14
C PRO B 360 -8.10 -25.28 20.11
N ALA B 361 -6.80 -25.11 20.32
CA ALA B 361 -6.21 -23.78 20.34
C ALA B 361 -6.40 -22.97 19.04
N ALA B 362 -6.18 -23.59 17.88
CA ALA B 362 -6.32 -22.90 16.59
C ALA B 362 -7.75 -22.50 16.30
N MET B 363 -8.71 -23.26 16.80
CA MET B 363 -10.10 -22.95 16.52
C MET B 363 -10.74 -21.99 17.53
N LEU B 364 -10.04 -21.76 18.63
CA LEU B 364 -10.58 -20.92 19.67
C LEU B 364 -9.92 -19.55 19.87
N THR B 365 -8.65 -19.44 19.52
CA THR B 365 -7.90 -18.21 19.72
C THR B 365 -8.35 -16.93 19.04
N ARG B 366 -8.44 -15.90 19.87
CA ARG B 366 -8.79 -14.55 19.46
C ARG B 366 -7.93 -13.72 20.39
N TYR B 367 -6.82 -13.23 19.88
CA TYR B 367 -5.92 -12.44 20.69
C TYR B 367 -6.18 -10.95 20.68
N MET B 368 -6.06 -10.34 21.85
CA MET B 368 -6.15 -8.91 22.04
C MET B 368 -4.90 -8.77 22.87
N ASP B 369 -3.79 -8.59 22.15
CA ASP B 369 -2.43 -8.50 22.69
C ASP B 369 -2.15 -7.57 23.85
N SER B 370 -2.89 -6.48 24.01
CA SER B 370 -2.59 -5.59 25.13
C SER B 370 -2.80 -6.37 26.43
N GLY B 371 -3.48 -7.51 26.36
CA GLY B 371 -3.69 -8.34 27.54
C GLY B 371 -2.39 -8.93 28.06
N PHE B 372 -1.40 -8.96 27.16
CA PHE B 372 -0.07 -9.44 27.51
C PHE B 372 0.77 -8.19 27.62
N GLY B 373 0.75 -7.36 26.57
CA GLY B 373 1.48 -6.09 26.60
C GLY B 373 2.50 -5.86 25.53
N MET B 374 2.19 -4.98 24.56
CA MET B 374 3.13 -4.66 23.46
C MET B 374 4.35 -3.92 23.96
N GLY B 375 4.24 -3.33 25.14
CA GLY B 375 5.36 -2.65 25.76
C GLY B 375 6.10 -3.71 26.57
N TYR B 376 5.39 -4.35 27.49
CA TYR B 376 5.96 -5.38 28.35
C TYR B 376 6.71 -6.43 27.51
N PHE B 377 6.09 -6.84 26.42
CA PHE B 377 6.69 -7.84 25.57
C PHE B 377 7.63 -7.27 24.49
N ALA B 378 8.00 -5.99 24.63
CA ALA B 378 8.90 -5.38 23.66
C ALA B 378 10.30 -5.96 23.83
N THR B 379 11.04 -6.10 22.73
CA THR B 379 12.39 -6.66 22.84
C THR B 379 13.51 -5.71 22.41
N PRO B 380 14.76 -6.05 22.76
CA PRO B 380 15.87 -5.18 22.36
C PRO B 380 16.04 -5.15 20.84
N LEU B 381 16.12 -3.96 20.26
CA LEU B 381 16.33 -3.82 18.83
C LEU B 381 17.77 -4.27 18.51
N ILE B 382 17.92 -5.20 17.56
CA ILE B 382 19.24 -5.71 17.15
C ILE B 382 19.96 -4.68 16.26
N ARG B 383 21.06 -4.10 16.75
CA ARG B 383 21.78 -3.11 15.95
C ARG B 383 22.32 -3.68 14.64
N GLY B 384 22.02 -2.99 13.53
CA GLY B 384 22.46 -3.45 12.24
C GLY B 384 21.41 -4.30 11.54
N VAL B 385 20.49 -4.90 12.29
CA VAL B 385 19.42 -5.69 11.70
C VAL B 385 18.07 -4.95 11.80
N ASP B 386 17.61 -4.64 13.01
CA ASP B 386 16.33 -3.92 13.21
C ASP B 386 16.41 -2.43 12.93
N CYS B 387 17.57 -1.85 13.16
CA CYS B 387 17.79 -0.45 12.90
C CYS B 387 19.22 -0.38 12.41
N PRO B 388 19.59 0.72 11.73
CA PRO B 388 20.96 0.90 11.21
C PRO B 388 21.95 0.91 12.38
N TYR B 389 23.19 0.47 12.14
CA TYR B 389 24.19 0.49 13.22
C TYR B 389 24.34 1.90 13.83
N LEU B 390 24.28 2.92 12.98
CA LEU B 390 24.45 4.29 13.45
C LEU B 390 23.18 5.02 13.89
N ALA B 391 22.09 4.29 14.10
CA ALA B 391 20.87 4.92 14.56
C ALA B 391 21.05 5.28 16.02
N THR B 392 20.16 6.11 16.54
CA THR B 392 20.20 6.52 17.93
C THR B 392 19.27 5.55 18.70
N TYR B 393 19.79 4.91 19.74
CA TYR B 393 18.93 4.00 20.48
C TYR B 393 18.55 4.55 21.85
N MET B 394 17.35 4.19 22.30
CA MET B 394 16.89 4.64 23.62
C MET B 394 16.35 3.47 24.44
N ASP B 395 16.49 3.58 25.75
CA ASP B 395 16.06 2.55 26.69
C ASP B 395 14.63 2.80 27.17
N TRP B 396 14.03 1.80 27.80
CA TRP B 396 12.68 1.91 28.32
C TRP B 396 12.73 1.24 29.69
N HIS B 397 11.97 1.74 30.63
CA HIS B 397 11.94 1.20 31.98
C HIS B 397 10.53 0.85 32.36
N PHE B 398 10.35 -0.26 33.04
CA PHE B 398 8.99 -0.65 33.39
C PHE B 398 8.94 -1.46 34.65
N VAL B 399 7.74 -1.55 35.23
CA VAL B 399 7.53 -2.42 36.38
C VAL B 399 6.24 -3.14 36.10
N VAL B 400 6.40 -4.40 35.70
CA VAL B 400 5.34 -5.34 35.37
C VAL B 400 5.78 -6.70 35.91
N GLU B 401 4.99 -7.28 36.81
CA GLU B 401 5.31 -8.58 37.38
C GLU B 401 6.66 -8.65 38.10
N SER B 402 7.05 -7.53 38.72
CA SER B 402 8.25 -7.42 39.52
C SER B 402 8.13 -6.25 40.48
N GLN B 403 8.80 -6.29 41.61
CA GLN B 403 8.73 -5.17 42.53
C GLN B 403 9.90 -4.22 42.40
N THR B 404 10.73 -4.47 41.39
CA THR B 404 11.87 -3.63 41.11
C THR B 404 11.84 -3.32 39.61
N PRO B 405 12.10 -2.06 39.24
CA PRO B 405 12.11 -1.64 37.84
C PRO B 405 13.05 -2.46 36.98
N LYS B 406 12.66 -2.72 35.74
CA LYS B 406 13.50 -3.45 34.79
C LYS B 406 13.80 -2.43 33.69
N THR B 407 14.93 -2.58 33.01
CA THR B 407 15.17 -1.68 31.90
C THR B 407 15.27 -2.54 30.65
N LEU B 408 14.72 -2.03 29.55
CA LEU B 408 14.74 -2.73 28.27
C LEU B 408 15.75 -1.97 27.43
N HIS B 409 16.92 -2.54 27.26
CA HIS B 409 17.95 -1.88 26.48
C HIS B 409 17.57 -1.84 25.00
N ASP B 410 17.82 -0.69 24.39
CA ASP B 410 17.54 -0.52 22.96
C ASP B 410 16.10 -0.85 22.60
N ALA B 411 15.16 -0.23 23.32
CA ALA B 411 13.73 -0.44 23.11
C ALA B 411 13.24 0.41 21.94
N PHE B 412 13.89 1.54 21.71
CA PHE B 412 13.50 2.37 20.59
C PHE B 412 14.74 2.71 19.80
N CYS B 413 14.54 3.22 18.60
CA CYS B 413 15.64 3.65 17.77
C CYS B 413 15.04 4.66 16.81
N VAL B 414 15.85 5.66 16.49
CA VAL B 414 15.49 6.74 15.59
C VAL B 414 16.66 6.90 14.60
N PHE B 415 16.35 7.09 13.32
CA PHE B 415 17.39 7.25 12.32
C PHE B 415 16.79 7.83 11.07
N GLU B 416 17.63 8.29 10.15
CA GLU B 416 17.15 8.82 8.89
C GLU B 416 17.36 7.79 7.80
N GLN B 417 16.30 7.57 7.03
CA GLN B 417 16.30 6.58 5.96
C GLN B 417 16.15 7.29 4.61
N ASN B 418 16.93 6.83 3.64
CA ASN B 418 16.87 7.33 2.27
C ASN B 418 15.97 6.31 1.56
N LYS B 419 14.77 6.74 1.16
CA LYS B 419 13.83 5.84 0.47
C LYS B 419 14.33 5.41 -0.90
N GLY B 420 15.38 6.06 -1.37
CA GLY B 420 15.95 5.73 -2.67
C GLY B 420 15.02 6.06 -3.83
N LEU B 421 14.06 6.93 -3.55
CA LEU B 421 13.06 7.37 -4.52
C LEU B 421 13.12 8.90 -4.51
N PRO B 422 13.27 9.54 -5.67
CA PRO B 422 13.34 11.01 -5.63
C PRO B 422 12.06 11.62 -5.07
N LEU B 423 12.19 12.57 -4.15
CA LEU B 423 11.03 13.24 -3.56
C LEU B 423 10.30 14.07 -4.61
N ARG B 424 11.06 14.93 -5.29
CA ARG B 424 10.54 15.81 -6.33
C ARG B 424 11.48 15.86 -7.54
N ARG B 425 10.90 15.96 -8.73
CA ARG B 425 11.68 16.03 -9.96
C ARG B 425 10.86 16.26 -11.23
N HIS B 426 11.48 16.95 -12.18
CA HIS B 426 10.87 17.24 -13.48
C HIS B 426 11.99 17.49 -14.50
N HIS B 427 11.75 17.07 -15.74
CA HIS B 427 12.74 17.21 -16.80
C HIS B 427 12.06 17.85 -18.01
N SER B 428 12.84 18.22 -19.02
CA SER B 428 12.24 18.75 -20.24
C SER B 428 13.12 18.56 -21.50
N ASP B 429 12.72 19.26 -22.57
CA ASP B 429 13.37 19.24 -23.88
C ASP B 429 14.48 20.28 -23.85
N PHE B 430 14.79 20.93 -24.96
CA PHE B 430 15.94 21.83 -24.88
C PHE B 430 15.98 23.36 -24.81
N LEU B 431 16.84 23.77 -23.88
CA LEU B 431 17.13 25.16 -23.53
C LEU B 431 16.09 25.82 -22.64
N SER B 432 15.73 24.97 -21.68
CA SER B 432 14.87 25.18 -20.56
C SER B 432 15.88 24.43 -19.68
N HIS B 433 16.88 25.16 -19.19
CA HIS B 433 17.95 24.56 -18.39
C HIS B 433 17.75 24.74 -16.89
N TYR B 434 16.87 23.94 -16.27
CA TYR B 434 16.62 24.11 -14.84
C TYR B 434 15.89 22.94 -14.23
N PHE B 435 16.15 21.73 -14.74
CA PHE B 435 15.48 20.51 -14.25
C PHE B 435 16.30 19.62 -13.31
N GLY B 436 15.63 19.14 -12.26
CA GLY B 436 16.28 18.27 -11.29
C GLY B 436 15.42 17.90 -10.09
N GLY B 437 16.05 17.81 -8.93
CA GLY B 437 15.35 17.48 -7.69
C GLY B 437 16.23 17.17 -6.49
N VAL B 438 15.64 16.50 -5.51
CA VAL B 438 16.37 16.09 -4.30
C VAL B 438 15.92 14.69 -3.94
N ALA B 439 16.77 13.94 -3.26
CA ALA B 439 16.43 12.60 -2.84
C ALA B 439 15.51 12.69 -1.61
N GLN B 440 14.78 11.61 -1.35
CA GLN B 440 13.85 11.60 -0.24
C GLN B 440 14.33 10.91 1.04
N THR B 441 14.74 11.73 2.01
CA THR B 441 15.20 11.22 3.29
C THR B 441 14.07 11.44 4.29
N VAL B 442 13.77 10.38 5.03
CA VAL B 442 12.67 10.37 5.99
C VAL B 442 13.14 10.01 7.43
N LEU B 443 12.46 10.53 8.45
CA LEU B 443 12.85 10.21 9.83
C LEU B 443 12.00 9.06 10.44
N VAL B 444 12.68 8.02 10.91
CA VAL B 444 12.01 6.85 11.45
C VAL B 444 12.11 6.62 12.96
N PHE B 445 10.97 6.35 13.57
CA PHE B 445 10.92 6.05 15.00
C PHE B 445 10.43 4.62 15.04
N ARG B 446 11.23 3.72 15.60
CA ARG B 446 10.89 2.31 15.62
C ARG B 446 11.01 1.59 16.96
N SER B 447 10.24 0.51 17.12
CA SER B 447 10.30 -0.37 18.30
C SER B 447 9.72 -1.71 17.84
N VAL B 448 10.01 -2.78 18.57
CA VAL B 448 9.52 -4.12 18.21
C VAL B 448 8.89 -4.92 19.36
N SER B 449 7.70 -5.46 19.15
CA SER B 449 7.04 -6.29 20.16
C SER B 449 7.22 -7.77 19.76
N THR B 450 7.58 -8.63 20.70
CA THR B 450 7.69 -10.05 20.38
C THR B 450 6.65 -10.76 21.24
N MET B 451 5.50 -11.05 20.63
CA MET B 451 4.42 -11.72 21.30
C MET B 451 4.43 -13.21 20.97
N LEU B 452 5.04 -14.01 21.84
CA LEU B 452 5.08 -15.46 21.62
C LEU B 452 5.84 -15.78 20.34
N ASN B 453 5.09 -16.13 19.29
CA ASN B 453 5.66 -16.50 17.99
C ASN B 453 5.91 -15.38 16.95
N ASP B 455 6.70 -11.38 15.62
CA ASP B 455 7.44 -10.17 15.98
C ASP B 455 6.77 -9.01 15.22
N TYR B 456 6.32 -8.01 15.96
CA TYR B 456 5.65 -6.89 15.34
C TYR B 456 6.55 -5.67 15.37
N VAL B 457 7.02 -5.19 14.24
CA VAL B 457 7.83 -3.98 14.28
C VAL B 457 6.93 -2.78 13.99
N TRP B 458 6.88 -1.84 14.92
CA TRP B 458 6.04 -0.65 14.81
C TRP B 458 6.75 0.56 14.27
N ASP B 459 6.30 1.08 13.13
CA ASP B 459 6.95 2.26 12.55
C ASP B 459 6.11 3.51 12.47
N MET B 460 6.77 4.63 12.72
CA MET B 460 6.17 5.93 12.59
C MET B 460 7.27 6.66 11.83
N VAL B 461 6.97 7.07 10.60
CA VAL B 461 7.97 7.75 9.79
C VAL B 461 7.48 9.15 9.41
N PHE B 462 8.34 10.13 9.62
CA PHE B 462 7.99 11.52 9.36
C PHE B 462 8.69 12.05 8.11
N TYR B 463 7.89 12.50 7.15
CA TYR B 463 8.39 13.00 5.88
C TYR B 463 8.68 14.48 5.92
N PRO B 464 9.57 14.95 5.02
CA PRO B 464 9.94 16.37 4.98
C PRO B 464 8.85 17.32 4.45
N ASN B 465 7.76 16.77 3.93
CA ASN B 465 6.69 17.60 3.40
C ASN B 465 5.52 17.74 4.37
N GLY B 466 5.69 17.21 5.58
CA GLY B 466 4.63 17.29 6.56
C GLY B 466 3.80 16.04 6.71
N ALA B 467 4.06 15.02 5.89
CA ALA B 467 3.29 13.77 5.96
C ALA B 467 3.84 12.79 6.96
N ILE B 468 2.97 11.93 7.49
CA ILE B 468 3.39 10.93 8.45
C ILE B 468 2.90 9.57 7.99
N GLU B 469 3.74 8.55 8.14
CA GLU B 469 3.38 7.20 7.76
C GLU B 469 3.48 6.34 9.00
N VAL B 470 2.43 5.58 9.30
CA VAL B 470 2.44 4.71 10.46
C VAL B 470 2.18 3.29 9.96
N LYS B 471 3.12 2.39 10.27
CA LYS B 471 3.04 1.04 9.79
C LYS B 471 3.36 -0.06 10.78
N LEU B 472 2.80 -1.22 10.45
CA LEU B 472 2.97 -2.46 11.20
C LEU B 472 3.57 -3.49 10.22
N HIS B 473 4.65 -4.13 10.63
CA HIS B 473 5.27 -5.16 9.80
C HIS B 473 5.32 -6.40 10.66
N ALA B 474 4.73 -7.50 10.18
CA ALA B 474 4.76 -8.75 10.94
C ALA B 474 5.87 -9.68 10.43
N THR B 475 6.58 -10.28 11.36
CA THR B 475 7.64 -11.21 11.00
C THR B 475 7.71 -12.22 12.15
N GLY B 476 8.68 -13.12 12.11
CA GLY B 476 8.76 -14.13 13.17
C GLY B 476 8.47 -15.54 12.69
N TYR B 477 7.73 -16.30 13.49
CA TYR B 477 7.40 -17.70 13.18
C TYR B 477 5.91 -17.91 13.32
N ILE B 478 5.36 -18.84 12.54
CA ILE B 478 3.94 -19.14 12.64
C ILE B 478 3.67 -20.24 13.68
N SER B 479 2.50 -20.21 14.29
CA SER B 479 2.15 -21.25 15.24
C SER B 479 1.49 -22.35 14.40
N SER B 480 1.92 -23.59 14.59
CA SER B 480 1.39 -24.73 13.83
C SER B 480 0.41 -25.61 14.60
N ALA B 481 -0.28 -26.49 13.89
CA ALA B 481 -1.23 -27.41 14.50
C ALA B 481 -1.00 -28.80 13.91
N PHE B 482 -1.22 -29.84 14.72
CA PHE B 482 -1.07 -31.19 14.25
C PHE B 482 -2.11 -31.39 13.13
N LEU B 483 -1.68 -31.98 12.00
CA LEU B 483 -2.56 -32.17 10.86
C LEU B 483 -3.33 -33.48 10.90
N PHE B 484 -4.66 -33.41 10.71
CA PHE B 484 -5.55 -34.58 10.71
C PHE B 484 -6.89 -34.17 10.14
N GLY B 485 -7.68 -35.14 9.74
CA GLY B 485 -8.99 -34.85 9.20
C GLY B 485 -9.04 -33.79 8.13
N ALA B 486 -10.06 -32.96 8.19
CA ALA B 486 -10.29 -31.89 7.21
C ALA B 486 -9.45 -30.66 7.52
N ALA B 487 -8.18 -30.89 7.85
CA ALA B 487 -7.31 -29.79 8.20
C ALA B 487 -7.22 -28.72 7.12
N ARG B 488 -7.09 -29.13 5.86
CA ARG B 488 -6.94 -28.19 4.76
C ARG B 488 -8.10 -27.25 4.63
N ARG B 489 -9.15 -27.52 5.38
CA ARG B 489 -10.29 -26.62 5.33
C ARG B 489 -9.92 -25.36 6.13
N TYR B 490 -8.88 -25.47 6.97
CA TYR B 490 -8.42 -24.40 7.86
C TYR B 490 -7.00 -23.90 7.68
N GLY B 491 -6.42 -24.11 6.50
CA GLY B 491 -5.06 -23.63 6.29
C GLY B 491 -4.34 -24.51 5.30
N ASN B 492 -3.01 -24.45 5.31
CA ASN B 492 -2.23 -25.27 4.39
C ASN B 492 -1.25 -26.17 5.13
N GLN B 493 -0.98 -27.33 4.53
CA GLN B 493 -0.01 -28.24 5.10
C GLN B 493 1.30 -27.59 4.78
N VAL B 494 2.17 -27.46 5.78
CA VAL B 494 3.47 -26.84 5.58
C VAL B 494 4.63 -27.72 6.04
N GLY B 495 4.31 -28.97 6.37
CA GLY B 495 5.34 -29.91 6.81
C GLY B 495 4.73 -31.28 7.05
N GLU B 496 5.51 -32.19 7.63
CA GLU B 496 4.96 -33.49 7.91
C GLU B 496 4.09 -33.34 9.18
N HIS B 497 2.88 -33.91 9.12
CA HIS B 497 1.92 -33.88 10.23
C HIS B 497 1.63 -32.48 10.76
N THR B 498 2.05 -31.46 10.02
CA THR B 498 1.87 -30.07 10.44
C THR B 498 1.04 -29.18 9.52
N LEU B 499 0.07 -28.51 10.10
CA LEU B 499 -0.77 -27.58 9.36
C LEU B 499 -0.42 -26.16 9.82
N GLY B 500 -0.43 -25.21 8.88
CA GLY B 500 -0.18 -23.80 9.22
C GLY B 500 -1.59 -23.23 9.15
N PRO B 501 -2.27 -22.99 10.30
CA PRO B 501 -3.64 -22.46 10.38
C PRO B 501 -3.90 -21.01 10.01
N VAL B 502 -5.06 -20.77 9.37
CA VAL B 502 -5.50 -19.43 8.95
C VAL B 502 -5.65 -18.48 10.11
N HIS B 503 -5.41 -17.21 9.85
CA HIS B 503 -5.59 -16.18 10.86
C HIS B 503 -5.50 -14.85 10.19
N THR B 504 -6.10 -13.86 10.85
CA THR B 504 -6.04 -12.49 10.40
C THR B 504 -5.15 -11.77 11.40
N HIS B 505 -4.55 -10.67 10.95
CA HIS B 505 -3.71 -9.83 11.81
C HIS B 505 -4.37 -8.47 11.73
N SER B 506 -4.66 -7.89 12.88
CA SER B 506 -5.26 -6.58 12.95
C SER B 506 -4.52 -5.72 13.94
N ALA B 507 -4.59 -4.41 13.72
CA ALA B 507 -3.99 -3.44 14.63
C ALA B 507 -4.94 -2.27 14.63
N HIS B 508 -5.00 -1.55 15.74
CA HIS B 508 -5.86 -0.38 15.88
C HIS B 508 -5.01 0.78 16.39
N TYR B 509 -5.19 1.98 15.82
CA TYR B 509 -4.43 3.16 16.23
C TYR B 509 -5.32 4.33 16.63
N LYS B 510 -4.84 5.11 17.60
CA LYS B 510 -5.57 6.28 18.08
C LYS B 510 -4.82 7.43 17.43
N VAL B 511 -5.53 8.24 16.64
CA VAL B 511 -4.89 9.36 15.97
C VAL B 511 -5.60 10.67 16.36
N ASP B 512 -5.05 11.33 17.38
CA ASP B 512 -5.64 12.56 17.84
C ASP B 512 -5.09 13.80 17.15
N LEU B 513 -5.54 13.98 15.91
CA LEU B 513 -5.16 15.14 15.13
C LEU B 513 -5.84 16.40 15.70
N ASP B 514 -5.07 17.48 15.82
CA ASP B 514 -5.60 18.76 16.28
C ASP B 514 -5.25 19.67 15.12
N VAL B 515 -6.02 19.57 14.04
CA VAL B 515 -5.73 20.36 12.87
C VAL B 515 -6.00 21.85 13.01
N GLY B 516 -4.91 22.62 13.06
CA GLY B 516 -5.03 24.06 13.21
C GLY B 516 -5.65 24.43 14.55
N GLY B 517 -5.56 23.51 15.49
CA GLY B 517 -6.12 23.74 16.81
C GLY B 517 -7.04 22.59 17.14
N LEU B 518 -7.72 22.70 18.27
CA LEU B 518 -8.64 21.69 18.78
C LEU B 518 -9.94 21.47 18.01
N GLU B 519 -10.68 22.54 17.75
CA GLU B 519 -11.95 22.44 17.06
C GLU B 519 -11.83 21.94 15.63
N ASN B 520 -12.33 20.74 15.36
CA ASN B 520 -12.23 20.21 14.01
C ASN B 520 -13.55 19.75 13.41
N TRP B 521 -13.54 19.63 12.09
CA TRP B 521 -14.66 19.20 11.30
C TRP B 521 -14.14 18.09 10.39
N VAL B 522 -15.02 17.18 10.00
CA VAL B 522 -14.66 16.07 9.13
C VAL B 522 -15.21 16.30 7.72
N TRP B 523 -14.35 16.23 6.71
CA TRP B 523 -14.79 16.41 5.34
C TRP B 523 -14.60 15.13 4.51
N ALA B 524 -15.62 14.80 3.71
CA ALA B 524 -15.61 13.65 2.83
C ALA B 524 -15.61 14.20 1.41
N GLU B 525 -14.52 14.01 0.68
CA GLU B 525 -14.47 14.48 -0.71
C GLU B 525 -14.24 13.26 -1.58
N ASP B 526 -14.79 13.28 -2.78
CA ASP B 526 -14.64 12.18 -3.71
C ASP B 526 -14.88 12.70 -5.14
N MET B 527 -15.10 11.75 -6.05
CA MET B 527 -15.32 12.08 -7.47
C MET B 527 -16.65 11.54 -7.94
N ALA B 528 -17.11 12.08 -9.05
CA ALA B 528 -18.35 11.65 -9.64
C ALA B 528 -18.31 12.01 -11.11
N PHE B 529 -19.14 11.31 -11.89
CA PHE B 529 -19.26 11.56 -13.32
C PHE B 529 -20.72 11.95 -13.57
N VAL B 530 -20.93 13.07 -14.24
CA VAL B 530 -22.27 13.54 -14.54
C VAL B 530 -22.24 13.94 -16.00
N PRO B 531 -23.12 13.35 -16.83
CA PRO B 531 -23.09 13.70 -18.24
C PRO B 531 -23.63 15.10 -18.48
N THR B 532 -22.96 15.90 -19.30
CA THR B 532 -23.47 17.24 -19.59
C THR B 532 -23.12 17.56 -21.02
N ALA B 533 -23.92 18.40 -21.65
CA ALA B 533 -23.68 18.78 -23.03
C ALA B 533 -22.32 19.45 -23.13
N ILE B 534 -21.70 19.32 -24.30
CA ILE B 534 -20.39 19.93 -24.53
C ILE B 534 -20.70 21.33 -25.01
N PRO B 535 -20.21 22.36 -24.31
CA PRO B 535 -20.49 23.74 -24.72
C PRO B 535 -20.24 24.08 -26.20
N TRP B 536 -19.05 23.72 -26.71
CA TRP B 536 -18.72 24.05 -28.09
C TRP B 536 -19.25 23.06 -29.12
N SER B 537 -20.10 22.13 -28.69
CA SER B 537 -20.72 21.14 -29.57
C SER B 537 -21.90 20.54 -28.77
N PRO B 538 -22.96 21.35 -28.54
CA PRO B 538 -24.13 20.92 -27.77
C PRO B 538 -24.81 19.59 -28.09
N GLU B 539 -24.67 19.10 -29.32
CA GLU B 539 -25.27 17.81 -29.69
C GLU B 539 -24.52 16.66 -29.05
N HIS B 540 -23.37 16.95 -28.46
CA HIS B 540 -22.61 15.87 -27.84
C HIS B 540 -22.49 16.03 -26.34
N GLN B 541 -22.50 14.88 -25.66
CA GLN B 541 -22.39 14.86 -24.22
C GLN B 541 -21.00 14.39 -23.82
N ILE B 542 -20.70 14.53 -22.54
CA ILE B 542 -19.41 14.15 -22.05
C ILE B 542 -19.55 13.84 -20.57
N GLN B 543 -19.05 12.68 -20.16
CA GLN B 543 -19.12 12.28 -18.77
C GLN B 543 -18.18 13.22 -18.02
N ARG B 544 -18.79 14.17 -17.35
CA ARG B 544 -18.04 15.20 -16.66
C ARG B 544 -17.53 14.80 -15.29
N LEU B 545 -16.21 14.70 -15.16
CA LEU B 545 -15.56 14.36 -13.89
C LEU B 545 -15.65 15.54 -12.95
N GLN B 546 -15.96 15.31 -11.68
CA GLN B 546 -16.04 16.42 -10.75
C GLN B 546 -15.78 15.93 -9.36
N VAL B 547 -15.62 16.88 -8.43
CA VAL B 547 -15.34 16.56 -7.04
C VAL B 547 -16.65 16.68 -6.31
N THR B 548 -16.87 15.82 -5.33
CA THR B 548 -18.08 15.94 -4.51
C THR B 548 -17.57 16.24 -3.11
N ARG B 549 -18.30 17.05 -2.33
CA ARG B 549 -17.87 17.38 -0.96
C ARG B 549 -19.03 17.38 0.03
N LYS B 550 -18.82 16.78 1.19
CA LYS B 550 -19.84 16.77 2.22
C LYS B 550 -19.19 16.88 3.59
N GLN B 551 -19.63 17.83 4.40
CA GLN B 551 -19.11 18.00 5.74
C GLN B 551 -19.91 17.04 6.60
N LEU B 552 -19.26 16.02 7.16
CA LEU B 552 -19.99 15.07 8.00
C LEU B 552 -20.50 15.73 9.30
N GLU B 553 -21.67 15.35 9.78
CA GLU B 553 -22.20 15.99 10.98
C GLU B 553 -22.17 15.16 12.25
N THR B 554 -22.34 13.84 12.15
CA THR B 554 -22.33 13.01 13.34
C THR B 554 -21.38 11.83 13.26
N GLU B 555 -20.98 11.33 14.43
CA GLU B 555 -20.09 10.19 14.57
C GLU B 555 -20.57 8.99 13.74
N GLU B 556 -21.88 8.78 13.69
CA GLU B 556 -22.41 7.65 12.92
C GLU B 556 -22.02 7.73 11.45
N GLN B 557 -21.96 8.95 10.92
CA GLN B 557 -21.58 9.17 9.54
C GLN B 557 -20.09 9.02 9.27
N ALA B 558 -19.30 9.04 10.33
CA ALA B 558 -17.86 8.93 10.14
C ALA B 558 -17.31 7.61 10.62
N ALA B 559 -18.20 6.63 10.79
CA ALA B 559 -17.83 5.25 11.19
C ALA B 559 -17.92 4.40 9.92
N PHE B 560 -16.80 4.24 9.23
CA PHE B 560 -16.74 3.48 7.96
C PHE B 560 -16.46 1.98 8.14
N PRO B 561 -17.44 1.13 7.76
CA PRO B 561 -17.34 -0.33 7.87
C PRO B 561 -16.15 -0.95 7.16
N LEU B 562 -15.45 -1.83 7.86
CA LEU B 562 -14.30 -2.49 7.25
C LEU B 562 -14.69 -3.16 5.90
N GLY B 563 -13.84 -2.97 4.89
CA GLY B 563 -14.12 -3.57 3.60
C GLY B 563 -15.22 -2.87 2.83
N GLY B 564 -15.88 -1.91 3.46
CA GLY B 564 -16.95 -1.19 2.78
C GLY B 564 -16.41 0.00 2.02
N ALA B 565 -17.32 0.84 1.53
CA ALA B 565 -16.94 2.03 0.78
C ALA B 565 -16.75 3.19 1.72
N SER B 566 -15.76 4.04 1.41
CA SER B 566 -15.49 5.21 2.22
C SER B 566 -14.93 6.29 1.31
N PRO B 567 -15.20 7.57 1.62
CA PRO B 567 -14.70 8.65 0.78
C PRO B 567 -13.22 8.47 0.46
N ARG B 568 -12.82 8.76 -0.79
CA ARG B 568 -11.42 8.62 -1.18
C ARG B 568 -10.59 9.66 -0.49
N TYR B 569 -11.18 10.83 -0.23
CA TYR B 569 -10.48 11.91 0.46
C TYR B 569 -11.21 12.22 1.74
N LEU B 570 -10.71 11.72 2.86
CA LEU B 570 -11.36 12.03 4.12
C LEU B 570 -10.34 12.77 4.97
N TYR B 571 -10.72 13.93 5.50
CA TYR B 571 -9.77 14.66 6.32
C TYR B 571 -10.42 15.39 7.46
N LEU B 572 -9.61 15.78 8.44
CA LEU B 572 -10.12 16.53 9.57
C LEU B 572 -9.64 17.93 9.26
N ALA B 573 -10.50 18.92 9.48
CA ALA B 573 -10.15 20.32 9.18
C ALA B 573 -10.48 21.31 10.27
N SER B 574 -9.73 22.40 10.31
CA SER B 574 -9.97 23.46 11.26
C SER B 574 -11.01 24.39 10.65
N LYS B 575 -11.39 25.40 11.41
CA LYS B 575 -12.35 26.41 10.97
C LYS B 575 -11.71 27.35 9.95
N GLN B 576 -10.43 27.65 10.13
CA GLN B 576 -9.70 28.55 9.27
C GLN B 576 -9.29 27.90 7.96
N SER B 577 -9.26 28.67 6.90
CA SER B 577 -8.85 28.18 5.59
C SER B 577 -7.42 28.58 5.33
N ASN B 578 -6.87 28.06 4.24
CA ASN B 578 -5.51 28.39 3.87
C ASN B 578 -5.66 29.67 3.07
N LYS B 579 -4.57 30.16 2.49
CA LYS B 579 -4.60 31.40 1.72
C LYS B 579 -5.64 31.39 0.59
N TRP B 580 -5.87 30.22 0.00
CA TRP B 580 -6.77 30.10 -1.13
C TRP B 580 -8.23 29.81 -0.81
N GLY B 581 -8.59 29.92 0.46
CA GLY B 581 -9.97 29.69 0.85
C GLY B 581 -10.43 28.26 1.06
N HIS B 582 -9.53 27.30 1.20
CA HIS B 582 -9.96 25.92 1.42
C HIS B 582 -9.65 25.55 2.87
N PRO B 583 -10.54 24.77 3.50
CA PRO B 583 -10.29 24.38 4.89
C PRO B 583 -8.91 23.75 5.05
N ARG B 584 -8.18 24.17 6.08
CA ARG B 584 -6.84 23.60 6.30
C ARG B 584 -7.07 22.16 6.77
N GLY B 585 -6.43 21.18 6.16
CA GLY B 585 -6.71 19.84 6.62
C GLY B 585 -5.63 18.79 6.51
N TYR B 586 -5.81 17.73 7.29
CA TYR B 586 -4.91 16.59 7.25
C TYR B 586 -5.78 15.37 6.94
N ARG B 587 -5.51 14.72 5.83
CA ARG B 587 -6.32 13.58 5.52
C ARG B 587 -5.64 12.29 5.93
N ILE B 588 -6.46 11.26 6.10
CA ILE B 588 -6.05 9.93 6.52
C ILE B 588 -6.24 8.97 5.35
N GLN B 589 -5.18 8.30 4.96
CA GLN B 589 -5.23 7.36 3.87
C GLN B 589 -4.82 6.01 4.45
N THR B 590 -5.78 5.10 4.62
CA THR B 590 -5.43 3.80 5.19
C THR B 590 -4.88 2.86 4.16
N VAL B 591 -4.00 1.98 4.62
CA VAL B 591 -3.38 0.99 3.79
C VAL B 591 -3.51 -0.36 4.46
N SER B 592 -4.42 -1.18 3.98
CA SER B 592 -4.54 -2.50 4.55
C SER B 592 -5.21 -3.47 3.59
N PHE B 593 -5.15 -4.74 3.95
CA PHE B 593 -5.71 -5.81 3.14
C PHE B 593 -6.41 -6.70 4.15
N ALA B 594 -7.15 -6.07 5.05
CA ALA B 594 -7.88 -6.73 6.12
C ALA B 594 -8.73 -7.87 5.57
N GLY B 595 -9.04 -8.83 6.45
CA GLY B 595 -9.81 -9.99 6.02
C GLY B 595 -11.33 -10.07 6.15
N GLY B 596 -12.02 -9.12 6.74
CA GLY B 596 -13.46 -9.33 6.81
C GLY B 596 -13.74 -9.38 8.28
N PRO B 597 -14.61 -8.49 8.79
CA PRO B 597 -14.90 -8.48 10.22
C PRO B 597 -15.45 -9.77 10.79
N MET B 598 -15.18 -10.00 12.07
CA MET B 598 -15.71 -11.16 12.78
C MET B 598 -17.23 -10.87 12.84
N PRO B 599 -18.08 -11.87 12.58
CA PRO B 599 -19.53 -11.65 12.66
C PRO B 599 -19.92 -11.11 14.04
N GLN B 600 -20.84 -10.15 14.08
CA GLN B 600 -21.25 -9.60 15.36
C GLN B 600 -21.99 -10.61 16.22
N ASN B 601 -22.34 -11.74 15.61
CA ASN B 601 -23.01 -12.85 16.28
C ASN B 601 -22.07 -13.52 17.27
N SER B 602 -20.77 -13.37 17.07
CA SER B 602 -19.83 -14.00 17.97
C SER B 602 -20.04 -13.44 19.36
N PRO B 603 -20.21 -14.32 20.36
CA PRO B 603 -20.43 -13.84 21.72
C PRO B 603 -19.28 -12.99 22.26
N MET B 604 -18.17 -12.95 21.53
CA MET B 604 -17.03 -12.16 21.98
C MET B 604 -16.54 -11.04 21.07
N GLU B 605 -17.18 -10.82 19.91
CA GLU B 605 -16.65 -9.77 19.04
C GLU B 605 -16.71 -8.32 19.56
N ARG B 606 -17.61 -8.01 20.49
CA ARG B 606 -17.67 -6.66 21.05
C ARG B 606 -16.36 -6.25 21.71
N ALA B 607 -15.63 -7.22 22.26
CA ALA B 607 -14.35 -6.92 22.92
C ALA B 607 -13.33 -6.32 21.93
N PHE B 608 -13.49 -6.61 20.64
CA PHE B 608 -12.61 -6.03 19.63
C PHE B 608 -13.47 -5.42 18.52
N SER B 609 -14.56 -4.75 18.92
CA SER B 609 -15.47 -4.14 17.95
C SER B 609 -14.82 -3.03 17.15
N TRP B 610 -13.59 -2.66 17.48
CA TRP B 610 -12.91 -1.64 16.67
C TRP B 610 -12.67 -2.32 15.33
N GLY B 611 -12.62 -3.65 15.33
CA GLY B 611 -12.44 -4.38 14.09
C GLY B 611 -13.58 -4.19 13.09
N ARG B 612 -14.71 -3.64 13.52
CA ARG B 612 -15.84 -3.42 12.60
C ARG B 612 -15.57 -2.30 11.62
N TYR B 613 -14.67 -1.39 11.98
CA TYR B 613 -14.38 -0.22 11.14
C TYR B 613 -12.97 -0.09 10.53
N GLN B 614 -12.94 0.50 9.33
CA GLN B 614 -11.67 0.74 8.67
C GLN B 614 -11.16 2.05 9.26
N LEU B 615 -12.10 2.96 9.56
CA LEU B 615 -11.79 4.26 10.14
C LEU B 615 -13.03 4.80 10.87
N ALA B 616 -12.81 5.48 12.00
CA ALA B 616 -13.91 6.05 12.74
C ALA B 616 -13.45 7.31 13.47
N ILE B 617 -14.29 8.34 13.44
CA ILE B 617 -13.96 9.61 14.09
C ILE B 617 -15.02 9.81 15.20
N THR B 618 -14.57 10.16 16.39
CA THR B 618 -15.47 10.41 17.50
C THR B 618 -14.96 11.65 18.21
N GLN B 619 -15.65 12.07 19.25
CA GLN B 619 -15.21 13.21 20.03
C GLN B 619 -14.14 12.68 21.01
N ARG B 620 -13.02 13.39 21.12
CA ARG B 620 -11.94 13.05 22.04
C ARG B 620 -12.57 13.18 23.41
N LYS B 621 -12.49 12.15 24.25
CA LYS B 621 -13.06 12.25 25.59
C LYS B 621 -12.07 11.74 26.60
N GLU B 622 -11.95 12.44 27.72
CA GLU B 622 -11.05 12.06 28.78
C GLU B 622 -11.44 10.67 29.29
N THR B 623 -12.74 10.38 29.21
CA THR B 623 -13.31 9.10 29.65
C THR B 623 -13.19 7.96 28.65
N GLU B 624 -12.57 8.21 27.51
CA GLU B 624 -12.35 7.18 26.48
C GLU B 624 -10.93 7.27 26.00
N PRO B 625 -9.98 6.96 26.87
CA PRO B 625 -8.55 7.00 26.57
C PRO B 625 -8.06 5.91 25.63
N SER B 626 -8.74 4.76 25.67
CA SER B 626 -8.38 3.59 24.86
C SER B 626 -9.52 2.81 24.21
N SER B 627 -9.26 2.27 23.03
CA SER B 627 -10.26 1.48 22.31
C SER B 627 -10.27 0.02 22.76
N SER B 628 -9.37 -0.35 23.69
CA SER B 628 -9.34 -1.73 24.19
C SER B 628 -8.92 -1.74 25.66
N SER B 629 -8.60 -2.92 26.19
CA SER B 629 -8.23 -3.01 27.58
C SER B 629 -7.42 -4.24 27.84
N VAL B 630 -6.48 -4.12 28.78
CA VAL B 630 -5.64 -5.24 29.18
C VAL B 630 -6.59 -6.32 29.68
N PHE B 631 -7.71 -5.89 30.27
CA PHE B 631 -8.70 -6.80 30.84
C PHE B 631 -9.68 -7.47 29.90
N ASN B 632 -9.68 -7.09 28.61
CA ASN B 632 -10.55 -7.72 27.63
C ASN B 632 -10.13 -9.16 27.27
N GLN B 633 -8.82 -9.41 27.13
CA GLN B 633 -8.36 -10.75 26.73
C GLN B 633 -8.85 -11.93 27.54
N ASN B 634 -8.81 -11.85 28.87
CA ASN B 634 -9.32 -12.97 29.67
C ASN B 634 -10.82 -12.92 29.95
N ASP B 635 -11.53 -12.03 29.26
CA ASP B 635 -12.97 -11.92 29.40
C ASP B 635 -13.59 -11.10 28.28
N PRO B 636 -13.57 -11.62 27.05
CA PRO B 636 -14.15 -10.89 25.93
C PRO B 636 -15.69 -10.92 25.88
N TRP B 637 -16.30 -11.91 26.55
CA TRP B 637 -17.77 -12.03 26.53
C TRP B 637 -18.49 -10.86 27.21
N THR B 638 -17.81 -10.20 28.15
CA THR B 638 -18.31 -9.03 28.88
C THR B 638 -17.09 -8.12 28.92
N PRO B 639 -16.84 -7.43 27.79
CA PRO B 639 -15.70 -6.52 27.65
C PRO B 639 -15.66 -5.37 28.62
N THR B 640 -14.43 -5.04 29.02
CA THR B 640 -14.18 -3.94 29.93
C THR B 640 -14.22 -2.66 29.12
N VAL B 641 -13.89 -2.77 27.84
CA VAL B 641 -13.92 -1.66 26.87
C VAL B 641 -14.47 -2.21 25.55
N ASP B 642 -15.55 -1.61 25.07
CA ASP B 642 -16.23 -1.98 23.83
C ASP B 642 -16.12 -0.71 22.99
N PHE B 643 -15.10 -0.65 22.13
CA PHE B 643 -14.92 0.56 21.33
C PHE B 643 -16.20 1.09 20.68
N SER B 644 -17.05 0.22 20.13
CA SER B 644 -18.27 0.70 19.47
C SER B 644 -19.12 1.60 20.38
N ASP B 645 -18.98 1.43 21.69
CA ASP B 645 -19.72 2.28 22.63
C ASP B 645 -19.36 3.77 22.41
N PHE B 646 -18.14 4.05 21.95
CA PHE B 646 -17.70 5.43 21.73
C PHE B 646 -18.47 6.08 20.58
N ILE B 647 -19.12 5.27 19.75
CA ILE B 647 -19.86 5.79 18.61
C ILE B 647 -21.34 5.86 19.00
N ASN B 648 -21.76 7.04 19.43
CA ASN B 648 -23.15 7.24 19.87
C ASN B 648 -23.86 8.45 19.27
N ASN B 649 -23.68 8.65 17.97
CA ASN B 649 -24.31 9.75 17.22
C ASN B 649 -24.11 11.19 17.74
N GLU B 650 -22.96 11.46 18.37
CA GLU B 650 -22.72 12.81 18.85
C GLU B 650 -22.30 13.69 17.67
N THR B 651 -22.31 15.00 17.88
CA THR B 651 -21.92 15.91 16.83
C THR B 651 -20.42 15.82 16.63
N ILE B 652 -19.97 15.97 15.40
CA ILE B 652 -18.53 16.00 15.13
C ILE B 652 -18.24 17.26 14.31
N ALA B 653 -19.05 18.29 14.55
CA ALA B 653 -18.89 19.57 13.89
C ALA B 653 -18.31 20.59 14.82
N GLY B 654 -17.01 20.87 14.70
CA GLY B 654 -16.38 21.85 15.57
C GLY B 654 -16.05 21.34 16.97
N LYS B 655 -15.58 20.10 17.09
CA LYS B 655 -15.23 19.54 18.38
C LYS B 655 -13.81 19.01 18.35
N ASP B 656 -13.29 18.58 19.50
CA ASP B 656 -11.97 17.99 19.55
C ASP B 656 -12.25 16.59 19.00
N LEU B 657 -11.65 16.28 17.86
CA LEU B 657 -11.90 15.01 17.22
C LEU B 657 -10.77 14.01 17.35
N VAL B 658 -11.09 12.74 17.33
CA VAL B 658 -10.07 11.71 17.40
C VAL B 658 -10.41 10.71 16.31
N ALA B 659 -9.41 10.33 15.51
CA ALA B 659 -9.60 9.35 14.44
C ALA B 659 -8.99 8.04 14.90
N TRP B 660 -9.67 6.93 14.65
CA TRP B 660 -9.18 5.61 15.06
C TRP B 660 -9.11 4.76 13.81
N VAL B 661 -7.91 4.25 13.54
CA VAL B 661 -7.66 3.45 12.38
C VAL B 661 -7.38 1.99 12.67
N THR B 662 -7.99 1.13 11.86
CA THR B 662 -7.85 -0.32 11.93
C THR B 662 -7.04 -0.76 10.72
N ALA B 663 -6.00 -1.57 10.89
CA ALA B 663 -5.32 -2.06 9.71
C ALA B 663 -4.93 -3.52 9.93
N GLY B 664 -4.90 -4.30 8.85
CA GLY B 664 -4.54 -5.69 8.99
C GLY B 664 -4.53 -6.42 7.67
N PHE B 665 -4.39 -7.75 7.74
CA PHE B 665 -4.39 -8.58 6.54
C PHE B 665 -4.75 -10.01 6.91
N LEU B 666 -5.06 -10.81 5.89
CA LEU B 666 -5.39 -12.22 6.07
C LEU B 666 -4.07 -12.98 5.87
N HIS B 667 -3.85 -13.99 6.69
CA HIS B 667 -2.65 -14.79 6.54
C HIS B 667 -3.00 -16.26 6.46
N ILE B 668 -2.83 -16.86 5.28
CA ILE B 668 -3.05 -18.29 5.10
C ILE B 668 -1.60 -18.75 5.00
N PRO B 669 -1.07 -19.39 6.06
CA PRO B 669 0.33 -19.81 5.96
C PRO B 669 0.62 -20.68 4.73
N HIS B 670 1.81 -20.50 4.18
CA HIS B 670 2.24 -21.27 3.02
C HIS B 670 3.67 -21.73 3.26
N ALA B 671 4.13 -22.67 2.45
CA ALA B 671 5.48 -23.21 2.62
C ALA B 671 6.57 -22.17 2.77
N GLU B 672 6.46 -21.07 2.05
CA GLU B 672 7.49 -20.03 2.14
C GLU B 672 7.61 -19.48 3.54
N ASP B 673 6.58 -19.71 4.37
CA ASP B 673 6.59 -19.23 5.75
C ASP B 673 7.48 -20.04 6.69
N ILE B 674 8.07 -21.12 6.18
CA ILE B 674 8.89 -21.97 7.02
C ILE B 674 10.36 -21.93 6.64
N PRO B 675 11.25 -21.77 7.63
CA PRO B 675 10.98 -21.66 9.06
C PRO B 675 10.53 -20.29 9.59
N ASN B 676 10.63 -19.22 8.80
CA ASN B 676 10.16 -17.92 9.31
C ASN B 676 9.56 -17.02 8.23
N THR B 677 8.50 -16.31 8.60
CA THR B 677 7.79 -15.42 7.69
C THR B 677 8.58 -14.13 7.52
N VAL B 678 8.57 -13.56 6.33
CA VAL B 678 9.31 -12.31 6.09
C VAL B 678 8.43 -11.08 5.88
N THR B 679 9.05 -9.94 6.08
CA THR B 679 8.42 -8.64 5.98
C THR B 679 8.30 -8.06 4.58
N VAL B 680 8.18 -8.87 3.52
CA VAL B 680 8.11 -8.33 2.17
C VAL B 680 6.90 -7.46 1.94
N GLY B 681 7.15 -6.20 1.55
CA GLY B 681 6.09 -5.24 1.30
C GLY B 681 6.33 -3.97 2.09
N ASN B 682 5.31 -3.15 2.28
CA ASN B 682 5.53 -1.93 3.04
C ASN B 682 4.63 -1.84 4.27
N GLY B 683 4.22 -3.01 4.74
CA GLY B 683 3.40 -3.10 5.92
C GLY B 683 1.96 -2.67 5.79
N VAL B 684 1.33 -2.51 6.94
CA VAL B 684 -0.04 -2.16 6.97
C VAL B 684 -0.23 -1.01 7.98
N GLY B 685 -1.11 -0.07 7.68
CA GLY B 685 -1.34 1.05 8.57
C GLY B 685 -2.05 2.23 7.90
N PHE B 686 -1.37 3.37 7.83
CA PHE B 686 -1.98 4.56 7.25
C PHE B 686 -1.06 5.75 7.01
N PHE B 687 -1.54 6.71 6.22
CA PHE B 687 -0.76 7.91 5.98
C PHE B 687 -1.62 9.06 6.46
N LEU B 688 -0.96 10.11 6.93
CA LEU B 688 -1.63 11.33 7.35
C LEU B 688 -0.99 12.33 6.42
N ARG B 689 -1.79 12.94 5.55
CA ARG B 689 -1.31 13.88 4.56
C ARG B 689 -1.94 15.25 4.65
N PRO B 690 -1.12 16.30 4.53
CA PRO B 690 -1.61 17.68 4.59
C PRO B 690 -2.40 17.96 3.32
N TYR B 691 -3.57 18.57 3.47
CA TYR B 691 -4.47 18.85 2.35
C TYR B 691 -4.98 20.28 2.54
N ASN B 692 -4.36 21.22 1.84
CA ASN B 692 -4.67 22.64 1.89
C ASN B 692 -4.39 23.19 3.29
N PHE B 693 -3.53 22.49 4.02
CA PHE B 693 -3.10 22.87 5.37
C PHE B 693 -2.09 24.00 5.21
N PHE B 694 -1.31 23.92 4.12
CA PHE B 694 -0.29 24.94 3.82
C PHE B 694 -0.77 25.78 2.65
N ASP B 695 -0.01 26.80 2.27
CA ASP B 695 -0.43 27.63 1.15
C ASP B 695 0.35 27.24 -0.12
N GLN B 696 1.30 26.33 0.04
CA GLN B 696 2.11 25.82 -1.06
C GLN B 696 2.98 24.71 -0.48
N GLU B 697 3.82 24.09 -1.31
CA GLU B 697 4.71 23.04 -0.84
C GLU B 697 5.53 23.66 0.31
N PRO B 698 5.55 23.01 1.49
CA PRO B 698 6.30 23.57 2.60
C PRO B 698 7.81 23.53 2.40
N SER B 699 8.52 24.44 3.05
CA SER B 699 9.97 24.51 2.92
C SER B 699 10.63 23.24 3.50
N MET B 700 11.93 23.12 3.31
CA MET B 700 12.67 21.98 3.83
C MET B 700 14.10 22.36 4.17
N ASP B 701 14.55 21.89 5.33
CA ASP B 701 15.90 22.16 5.82
C ASP B 701 16.61 20.84 6.15
#